data_5G5S
#
_entry.id   5G5S
#
_cell.length_a   63.477
_cell.length_b   104.932
_cell.length_c   115.077
_cell.angle_alpha   90.00
_cell.angle_beta   90.00
_cell.angle_gamma   90.00
#
_symmetry.space_group_name_H-M   'P 21 21 21'
#
loop_
_entity.id
_entity.type
_entity.pdbx_description
1 polymer ARGONAUTE
2 non-polymer 'MAGNESIUM ION'
3 non-polymer 2-AMINO-2-HYDROXYMETHYL-PROPANE-1,3-DIOL
4 water water
#
_entity_poly.entity_id   1
_entity_poly.type   'polypeptide(L)'
_entity_poly.pdbx_seq_one_letter_code
;FTMVLNKVTYKINAYKIKEEFIPKEVHFYRIKSFVNEAFNFYRFVNFYGGMIINKKDKSFVLPYKVDNKVLKYKDGNNEI
PIDIEYIKSLKLEYVKPEIAEKLVRGYLKSVHKIEPELSRIIKNIRKHKVVENIKVESYCEYEVKKHDGDYYLILNFRHT
ASITKHLWDFVNRDKALLEEYVGKKIIFKPNPKVRYTISLVDAPNPQKIEEIMSHIIKYYKWSEDMVKSTFGEIDYNQPI
MYCEEILEPFAPQFCNLVFYMDELDSYILKELQSYWRLSNENKGKIINEIAKKLRFIDNTPKELEFMKFNNTPLLVKDVN
KNPTKIYSTNTLFTWIYNQNAKIYLPYDVPEIIRNKNLLTYILIDEEIKDELKAIKDKVNKMFRNYNKIANKTELPKFNY
ANRWKYFSTDDIRGIIKEIKSEFNDEICFALIIGKEKYKDNDYYEILKKQLFDLKIISQNILWENWRKDDKGYMTNNLLI
QIMGKLGIKYFILDSKTPYDYIMGLDTGLGIFGNHRVGGCTVVYDSEGKIRRIQPIETPAPGERLHLPYVIEYLENKANI
DMENKNILFLRDGFIQNSERNDLKEISKELNSNIEVISIRKNNKYKVFTSDYRIGSVFGNDGIFLPHKTPFGSNPVKLST
WLRFNCGNEEGLKINESIMQLLYDLTKMNYSALYGEGRYLRIPAPIHYADKFVKALGKNWKIDEELLKHGFLYFI
;
_entity_poly.pdbx_strand_id   A
#
# COMPACT_ATOMS: atom_id res chain seq x y z
N PHE A 1 -33.47 11.10 -4.64
CA PHE A 1 -32.60 10.94 -5.79
C PHE A 1 -31.47 12.01 -5.90
N THR A 2 -30.63 11.93 -6.95
CA THR A 2 -29.47 12.78 -7.27
C THR A 2 -29.76 14.29 -7.48
N MET A 3 -31.03 14.67 -7.69
CA MET A 3 -31.44 16.06 -7.92
C MET A 3 -31.29 16.99 -6.69
N VAL A 4 -31.07 16.43 -5.48
CA VAL A 4 -30.97 17.20 -4.23
C VAL A 4 -29.59 17.19 -3.57
N LEU A 5 -28.65 16.40 -4.14
CA LEU A 5 -27.29 16.24 -3.64
C LEU A 5 -26.31 17.32 -4.08
N ASN A 6 -25.33 17.59 -3.21
CA ASN A 6 -24.20 18.48 -3.41
C ASN A 6 -23.17 17.70 -4.25
N LYS A 7 -23.28 17.81 -5.58
CA LYS A 7 -22.45 17.10 -6.55
C LYS A 7 -21.52 18.05 -7.30
N VAL A 8 -20.27 17.64 -7.51
CA VAL A 8 -19.30 18.39 -8.31
C VAL A 8 -18.96 17.49 -9.51
N THR A 9 -19.08 18.03 -10.71
CA THR A 9 -18.85 17.30 -11.95
C THR A 9 -17.39 17.36 -12.36
N TYR A 10 -16.78 16.19 -12.65
CA TYR A 10 -15.37 16.05 -13.05
C TYR A 10 -15.20 14.98 -14.09
N LYS A 11 -14.18 15.14 -14.95
CA LYS A 11 -13.83 14.20 -16.01
C LYS A 11 -12.93 13.08 -15.49
N ILE A 12 -13.18 11.85 -15.97
CA ILE A 12 -12.40 10.64 -15.65
C ILE A 12 -11.91 10.03 -16.98
N ASN A 13 -10.88 9.17 -16.93
CA ASN A 13 -10.29 8.52 -18.09
C ASN A 13 -11.13 7.33 -18.65
N ALA A 14 -12.45 7.54 -18.79
CA ALA A 14 -13.39 6.55 -19.35
C ALA A 14 -13.93 7.09 -20.66
N TYR A 15 -13.76 6.34 -21.76
CA TYR A 15 -14.21 6.77 -23.09
C TYR A 15 -15.17 5.74 -23.67
N LYS A 16 -16.33 6.20 -24.16
CA LYS A 16 -17.39 5.36 -24.71
C LYS A 16 -16.94 4.55 -25.91
N ILE A 17 -17.06 3.22 -25.81
CA ILE A 17 -16.72 2.28 -26.89
C ILE A 17 -17.84 2.39 -27.93
N LYS A 18 -17.44 2.55 -29.20
CA LYS A 18 -18.35 2.67 -30.35
C LYS A 18 -19.07 1.35 -30.59
N GLU A 19 -20.35 1.46 -30.99
CA GLU A 19 -21.33 0.40 -31.27
C GLU A 19 -20.78 -0.83 -32.01
N GLU A 20 -20.07 -0.61 -33.13
CA GLU A 20 -19.46 -1.66 -33.98
C GLU A 20 -18.51 -2.60 -33.22
N PHE A 21 -17.93 -2.11 -32.11
CA PHE A 21 -16.97 -2.82 -31.27
C PHE A 21 -17.56 -3.49 -30.02
N ILE A 22 -18.88 -3.36 -29.82
CA ILE A 22 -19.57 -4.01 -28.71
C ILE A 22 -20.25 -5.27 -29.29
N PRO A 23 -19.94 -6.48 -28.75
CA PRO A 23 -20.62 -7.69 -29.27
C PRO A 23 -22.11 -7.68 -28.94
N LYS A 24 -22.94 -8.17 -29.86
CA LYS A 24 -24.39 -8.21 -29.66
C LYS A 24 -24.76 -9.40 -28.76
N GLU A 25 -24.06 -10.53 -28.97
CA GLU A 25 -24.30 -11.77 -28.27
C GLU A 25 -23.05 -12.41 -27.69
N VAL A 26 -23.25 -13.25 -26.65
CA VAL A 26 -22.22 -14.09 -26.02
C VAL A 26 -22.55 -15.55 -26.35
N HIS A 27 -21.52 -16.37 -26.53
CA HIS A 27 -21.72 -17.74 -26.96
C HIS A 27 -21.05 -18.76 -26.06
N PHE A 28 -21.86 -19.75 -25.63
CA PHE A 28 -21.42 -20.82 -24.73
C PHE A 28 -20.92 -22.03 -25.50
N TYR A 29 -19.72 -22.49 -25.13
CA TYR A 29 -19.05 -23.63 -25.74
C TYR A 29 -18.43 -24.53 -24.67
N ARG A 30 -18.17 -25.79 -25.05
CA ARG A 30 -17.48 -26.79 -24.24
C ARG A 30 -16.49 -27.53 -25.15
N ILE A 31 -15.35 -27.96 -24.60
CA ILE A 31 -14.35 -28.71 -25.37
C ILE A 31 -14.93 -30.11 -25.57
N LYS A 32 -15.29 -30.45 -26.82
CA LYS A 32 -15.85 -31.77 -27.18
C LYS A 32 -14.73 -32.79 -27.40
N SER A 33 -13.62 -32.35 -28.04
CA SER A 33 -12.43 -33.15 -28.30
C SER A 33 -11.61 -33.36 -27.02
N PHE A 34 -10.66 -34.32 -27.06
CA PHE A 34 -9.80 -34.66 -25.92
C PHE A 34 -8.71 -33.61 -25.68
N VAL A 35 -8.36 -33.41 -24.40
CA VAL A 35 -7.30 -32.50 -23.95
C VAL A 35 -6.43 -33.16 -22.87
N ASN A 36 -5.11 -33.00 -22.98
CA ASN A 36 -4.18 -33.57 -22.02
C ASN A 36 -4.02 -32.68 -20.79
N GLU A 37 -3.19 -33.13 -19.85
CA GLU A 37 -2.94 -32.39 -18.61
C GLU A 37 -2.18 -31.06 -18.79
N ALA A 38 -1.43 -30.95 -19.87
CA ALA A 38 -0.64 -29.76 -20.17
C ALA A 38 -1.40 -28.74 -21.02
N PHE A 39 -2.69 -28.95 -21.17
CA PHE A 39 -3.55 -28.10 -21.99
C PHE A 39 -3.68 -26.63 -21.55
N ASN A 40 -3.70 -26.38 -20.25
CA ASN A 40 -3.83 -25.01 -19.72
C ASN A 40 -5.07 -24.28 -20.25
N PHE A 41 -6.22 -24.74 -19.79
CA PHE A 41 -7.52 -24.23 -20.21
C PHE A 41 -7.71 -22.74 -19.95
N TYR A 42 -7.25 -22.25 -18.81
CA TYR A 42 -7.42 -20.83 -18.50
C TYR A 42 -6.71 -19.94 -19.51
N ARG A 43 -5.50 -20.31 -19.88
CA ARG A 43 -4.74 -19.56 -20.87
C ARG A 43 -5.41 -19.59 -22.22
N PHE A 44 -5.97 -20.75 -22.55
CA PHE A 44 -6.63 -20.97 -23.83
C PHE A 44 -7.84 -20.07 -24.05
N VAL A 45 -8.66 -19.87 -23.02
CA VAL A 45 -9.83 -19.02 -23.17
C VAL A 45 -9.46 -17.55 -23.10
N ASN A 46 -8.50 -17.26 -22.24
CA ASN A 46 -8.00 -15.90 -22.04
C ASN A 46 -7.39 -15.33 -23.31
N PHE A 47 -6.70 -16.17 -24.12
CA PHE A 47 -6.10 -15.77 -25.39
C PHE A 47 -7.19 -15.35 -26.38
N TYR A 48 -8.26 -16.16 -26.46
CA TYR A 48 -9.41 -15.95 -27.34
C TYR A 48 -10.53 -15.06 -26.76
N GLY A 49 -10.17 -14.23 -25.77
CA GLY A 49 -11.06 -13.27 -25.12
C GLY A 49 -12.28 -13.81 -24.38
N GLY A 50 -12.22 -15.08 -23.98
CA GLY A 50 -13.30 -15.75 -23.27
C GLY A 50 -13.17 -15.80 -21.76
N MET A 51 -14.05 -16.60 -21.13
CA MET A 51 -14.13 -16.78 -19.68
C MET A 51 -14.67 -18.17 -19.35
N ILE A 52 -14.05 -18.85 -18.35
CA ILE A 52 -14.44 -20.19 -17.92
C ILE A 52 -15.76 -20.19 -17.12
N ILE A 53 -16.69 -21.10 -17.48
CA ILE A 53 -17.94 -21.30 -16.75
C ILE A 53 -17.68 -22.38 -15.68
N ASN A 54 -17.29 -23.58 -16.12
CA ASN A 54 -16.96 -24.72 -15.26
C ASN A 54 -15.68 -25.36 -15.80
N LYS A 55 -14.69 -25.56 -14.92
CA LYS A 55 -13.41 -26.19 -15.28
C LYS A 55 -13.58 -27.68 -15.58
N LYS A 56 -14.44 -28.39 -14.79
CA LYS A 56 -14.73 -29.82 -14.93
C LYS A 56 -15.51 -30.16 -16.21
N ASP A 57 -16.50 -29.35 -16.57
CA ASP A 57 -17.28 -29.56 -17.79
C ASP A 57 -16.56 -28.99 -19.02
N LYS A 58 -15.40 -28.32 -18.79
CA LYS A 58 -14.53 -27.64 -19.77
C LYS A 58 -15.38 -26.68 -20.62
N SER A 59 -16.32 -26.00 -19.94
CA SER A 59 -17.26 -25.05 -20.52
C SER A 59 -16.77 -23.63 -20.32
N PHE A 60 -17.05 -22.79 -21.32
CA PHE A 60 -16.62 -21.39 -21.36
C PHE A 60 -17.59 -20.53 -22.15
N VAL A 61 -17.36 -19.20 -22.15
CA VAL A 61 -18.18 -18.23 -22.87
C VAL A 61 -17.27 -17.32 -23.69
N LEU A 62 -17.62 -17.12 -24.97
CA LEU A 62 -16.87 -16.27 -25.89
C LEU A 62 -17.71 -15.05 -26.30
N PRO A 63 -17.08 -13.86 -26.51
CA PRO A 63 -17.85 -12.67 -26.93
C PRO A 63 -18.23 -12.68 -28.42
N TYR A 64 -17.91 -13.77 -29.12
CA TYR A 64 -18.15 -13.93 -30.56
C TYR A 64 -18.43 -15.39 -30.90
N LYS A 65 -19.00 -15.61 -32.09
CA LYS A 65 -19.28 -16.94 -32.61
C LYS A 65 -18.05 -17.38 -33.41
N VAL A 66 -17.63 -18.63 -33.20
CA VAL A 66 -16.50 -19.21 -33.90
C VAL A 66 -16.99 -20.29 -34.88
N ASP A 67 -16.65 -20.13 -36.16
CA ASP A 67 -17.07 -21.02 -37.25
C ASP A 67 -15.99 -22.10 -37.58
N ASN A 68 -15.07 -22.35 -36.61
CA ASN A 68 -13.96 -23.31 -36.67
C ASN A 68 -13.07 -23.15 -37.91
N ILE A 80 -3.09 -23.58 -29.55
CA ILE A 80 -3.80 -24.03 -30.75
C ILE A 80 -5.29 -24.32 -30.45
N PRO A 81 -6.25 -23.99 -31.37
CA PRO A 81 -7.66 -24.27 -31.09
C PRO A 81 -8.14 -25.67 -31.49
N ILE A 82 -8.74 -26.40 -30.53
CA ILE A 82 -9.27 -27.74 -30.73
C ILE A 82 -10.78 -27.68 -31.05
N ASP A 83 -11.38 -28.84 -31.41
CA ASP A 83 -12.82 -28.95 -31.74
C ASP A 83 -13.68 -28.65 -30.51
N ILE A 84 -14.57 -27.65 -30.63
CA ILE A 84 -15.48 -27.23 -29.55
C ILE A 84 -16.95 -27.42 -29.90
N GLU A 85 -17.79 -27.64 -28.86
CA GLU A 85 -19.21 -27.88 -29.02
C GLU A 85 -20.03 -26.66 -28.58
N TYR A 86 -20.87 -26.14 -29.49
CA TYR A 86 -21.73 -24.99 -29.21
C TYR A 86 -22.91 -25.39 -28.34
N ILE A 87 -23.20 -24.59 -27.30
CA ILE A 87 -24.29 -24.87 -26.36
C ILE A 87 -25.44 -23.87 -26.49
N LYS A 88 -25.16 -22.58 -26.35
CA LYS A 88 -26.18 -21.53 -26.39
C LYS A 88 -25.59 -20.17 -26.77
N SER A 89 -26.47 -19.28 -27.24
CA SER A 89 -26.22 -17.88 -27.58
C SER A 89 -27.10 -17.08 -26.64
N LEU A 90 -26.62 -15.91 -26.23
CA LEU A 90 -27.34 -15.04 -25.31
C LEU A 90 -26.98 -13.59 -25.58
N LYS A 91 -27.98 -12.69 -25.56
CA LYS A 91 -27.78 -11.25 -25.77
C LYS A 91 -26.91 -10.73 -24.64
N LEU A 92 -25.90 -9.90 -24.98
CA LEU A 92 -24.99 -9.31 -24.00
C LEU A 92 -25.73 -8.62 -22.87
N GLU A 93 -26.88 -8.03 -23.19
CA GLU A 93 -27.77 -7.32 -22.27
C GLU A 93 -28.25 -8.21 -21.09
N TYR A 94 -28.39 -9.54 -21.31
CA TYR A 94 -28.83 -10.49 -20.27
C TYR A 94 -27.70 -10.96 -19.36
N VAL A 95 -26.46 -10.56 -19.68
CA VAL A 95 -25.27 -10.97 -18.93
C VAL A 95 -24.98 -9.98 -17.81
N LYS A 96 -24.62 -10.51 -16.61
CA LYS A 96 -24.25 -9.72 -15.43
C LYS A 96 -23.20 -8.66 -15.81
N PRO A 97 -23.40 -7.38 -15.39
CA PRO A 97 -22.45 -6.31 -15.78
C PRO A 97 -20.96 -6.63 -15.63
N GLU A 98 -20.55 -7.32 -14.54
CA GLU A 98 -19.13 -7.66 -14.29
C GLU A 98 -18.58 -8.67 -15.27
N ILE A 99 -19.43 -9.61 -15.75
CA ILE A 99 -19.06 -10.65 -16.73
C ILE A 99 -19.01 -10.01 -18.12
N ALA A 100 -20.05 -9.22 -18.46
CA ALA A 100 -20.19 -8.49 -19.72
C ALA A 100 -18.99 -7.56 -20.00
N GLU A 101 -18.48 -6.82 -18.99
CA GLU A 101 -17.32 -5.92 -19.09
C GLU A 101 -16.07 -6.69 -19.60
N LYS A 102 -15.81 -7.84 -18.97
CA LYS A 102 -14.65 -8.69 -19.31
C LYS A 102 -14.77 -9.32 -20.68
N LEU A 103 -16.00 -9.66 -21.11
CA LEU A 103 -16.21 -10.24 -22.43
C LEU A 103 -16.02 -9.19 -23.52
N VAL A 104 -16.41 -7.93 -23.27
CA VAL A 104 -16.20 -6.81 -24.20
C VAL A 104 -14.68 -6.54 -24.32
N ARG A 105 -13.95 -6.65 -23.19
CA ARG A 105 -12.49 -6.48 -23.13
C ARG A 105 -11.82 -7.56 -23.97
N GLY A 106 -12.25 -8.80 -23.80
CA GLY A 106 -11.75 -9.93 -24.57
C GLY A 106 -12.03 -9.79 -26.06
N TYR A 107 -13.19 -9.23 -26.40
CA TYR A 107 -13.59 -8.99 -27.79
C TYR A 107 -12.66 -7.97 -28.43
N LEU A 108 -12.45 -6.84 -27.74
CA LEU A 108 -11.56 -5.75 -28.11
C LEU A 108 -10.10 -6.23 -28.23
N LYS A 109 -9.68 -7.13 -27.34
CA LYS A 109 -8.32 -7.68 -27.33
C LYS A 109 -8.09 -8.73 -28.43
N SER A 110 -8.88 -9.83 -28.40
CA SER A 110 -8.72 -10.94 -29.32
C SER A 110 -9.17 -10.70 -30.76
N VAL A 111 -10.38 -10.18 -30.95
CA VAL A 111 -10.96 -9.94 -32.28
C VAL A 111 -10.46 -8.64 -32.90
N HIS A 112 -10.53 -7.54 -32.15
CA HIS A 112 -10.17 -6.21 -32.66
C HIS A 112 -8.71 -5.75 -32.49
N LYS A 113 -7.88 -6.57 -31.81
CA LYS A 113 -6.45 -6.32 -31.57
C LYS A 113 -6.15 -4.88 -31.05
N ILE A 114 -6.73 -4.54 -29.89
CA ILE A 114 -6.55 -3.23 -29.26
C ILE A 114 -5.12 -2.97 -28.74
N GLU A 115 -4.44 -4.01 -28.20
CA GLU A 115 -3.07 -3.92 -27.67
C GLU A 115 -2.02 -3.52 -28.74
N PRO A 116 -1.95 -4.15 -29.94
CA PRO A 116 -0.96 -3.70 -30.95
C PRO A 116 -1.25 -2.29 -31.48
N GLU A 117 -2.55 -1.90 -31.56
CA GLU A 117 -2.92 -0.55 -32.03
C GLU A 117 -2.58 0.53 -31.02
N LEU A 118 -2.70 0.22 -29.71
CA LEU A 118 -2.37 1.14 -28.61
C LEU A 118 -0.85 1.40 -28.57
N SER A 119 -0.02 0.34 -28.79
CA SER A 119 1.45 0.42 -28.81
C SER A 119 1.93 1.33 -29.94
N ARG A 120 1.26 1.24 -31.12
CA ARG A 120 1.50 2.03 -32.33
C ARG A 120 1.27 3.52 -32.05
N ILE A 121 0.22 3.87 -31.29
CA ILE A 121 -0.13 5.26 -30.93
C ILE A 121 0.98 5.86 -30.03
N ILE A 122 1.42 5.10 -29.02
CA ILE A 122 2.45 5.53 -28.06
C ILE A 122 3.91 5.35 -28.52
N LYS A 123 4.13 4.72 -29.70
CA LYS A 123 5.47 4.51 -30.26
C LYS A 123 6.03 5.80 -30.85
N GLU A 132 19.64 9.79 -15.45
CA GLU A 132 20.94 9.50 -16.07
C GLU A 132 21.13 7.98 -16.31
N ASN A 133 21.07 7.18 -15.23
CA ASN A 133 21.19 5.72 -15.27
C ASN A 133 19.80 5.07 -15.14
N ILE A 134 18.77 5.78 -15.62
CA ILE A 134 17.38 5.37 -15.58
C ILE A 134 16.82 5.12 -16.97
N LYS A 135 16.37 3.88 -17.22
CA LYS A 135 15.74 3.52 -18.49
C LYS A 135 14.22 3.66 -18.28
N VAL A 136 13.61 4.62 -18.99
CA VAL A 136 12.17 4.87 -18.89
C VAL A 136 11.41 4.32 -20.08
N GLU A 137 10.37 3.50 -19.82
CA GLU A 137 9.51 2.86 -20.83
C GLU A 137 8.05 3.30 -20.61
N SER A 138 7.32 3.54 -21.69
CA SER A 138 5.92 3.95 -21.61
C SER A 138 4.99 2.86 -22.10
N TYR A 139 3.81 2.76 -21.46
CA TYR A 139 2.79 1.79 -21.82
C TYR A 139 1.38 2.25 -21.46
N CYS A 140 0.39 1.66 -22.14
CA CYS A 140 -1.01 1.88 -21.90
C CYS A 140 -1.57 0.67 -21.18
N GLU A 141 -2.47 0.91 -20.25
CA GLU A 141 -3.23 -0.15 -19.59
C GLU A 141 -4.70 0.16 -19.80
N TYR A 142 -5.48 -0.88 -20.08
CA TYR A 142 -6.90 -0.71 -20.39
C TYR A 142 -7.78 -1.74 -19.70
N GLU A 143 -9.03 -1.34 -19.50
CA GLU A 143 -10.11 -2.11 -18.89
C GLU A 143 -11.41 -1.60 -19.45
N VAL A 144 -12.47 -2.42 -19.41
N VAL A 144 -12.47 -2.43 -19.38
CA VAL A 144 -13.80 -1.97 -19.83
CA VAL A 144 -13.82 -2.08 -19.83
C VAL A 144 -14.78 -1.98 -18.66
C VAL A 144 -14.75 -1.97 -18.61
N LYS A 145 -15.62 -0.94 -18.59
CA LYS A 145 -16.58 -0.75 -17.52
C LYS A 145 -17.95 -0.49 -18.05
N LYS A 146 -18.96 -1.17 -17.48
CA LYS A 146 -20.34 -0.95 -17.86
C LYS A 146 -20.90 0.04 -16.86
N HIS A 147 -21.28 1.21 -17.35
CA HIS A 147 -21.90 2.26 -16.55
C HIS A 147 -23.21 2.50 -17.28
N ASP A 148 -24.31 2.46 -16.53
CA ASP A 148 -25.67 2.56 -17.09
C ASP A 148 -25.76 1.41 -18.10
N GLY A 149 -26.16 1.70 -19.33
CA GLY A 149 -26.25 0.67 -20.34
C GLY A 149 -25.11 0.73 -21.34
N ASP A 150 -24.11 1.53 -21.02
CA ASP A 150 -22.98 1.74 -21.93
C ASP A 150 -21.68 1.18 -21.42
N TYR A 151 -20.78 0.85 -22.36
CA TYR A 151 -19.44 0.33 -22.11
C TYR A 151 -18.42 1.41 -22.36
N TYR A 152 -17.53 1.59 -21.39
CA TYR A 152 -16.47 2.58 -21.41
C TYR A 152 -15.15 1.91 -21.33
N LEU A 153 -14.17 2.41 -22.08
CA LEU A 153 -12.82 1.89 -21.96
C LEU A 153 -12.08 2.81 -21.00
N ILE A 154 -11.49 2.22 -19.95
CA ILE A 154 -10.66 2.95 -18.99
C ILE A 154 -9.28 2.93 -19.62
N LEU A 155 -8.73 4.10 -19.91
CA LEU A 155 -7.44 4.23 -20.58
C LEU A 155 -6.41 4.95 -19.70
N ASN A 156 -5.34 4.23 -19.36
CA ASN A 156 -4.29 4.75 -18.50
C ASN A 156 -2.93 4.70 -19.20
N PHE A 157 -2.15 5.77 -19.06
CA PHE A 157 -0.83 5.86 -19.65
C PHE A 157 0.18 5.87 -18.51
N ARG A 158 1.05 4.85 -18.47
CA ARG A 158 2.03 4.71 -17.39
C ARG A 158 3.46 4.72 -17.83
N HIS A 159 4.34 5.21 -16.94
CA HIS A 159 5.78 5.25 -17.15
C HIS A 159 6.46 4.34 -16.16
N THR A 160 7.19 3.36 -16.69
CA THR A 160 7.95 2.38 -15.91
C THR A 160 9.43 2.65 -16.09
N ALA A 161 10.11 2.96 -14.98
CA ALA A 161 11.54 3.25 -14.99
C ALA A 161 12.33 2.10 -14.36
N SER A 162 13.50 1.83 -14.92
CA SER A 162 14.38 0.78 -14.43
C SER A 162 15.80 1.30 -14.19
N ILE A 163 16.35 0.95 -13.02
CA ILE A 163 17.72 1.31 -12.64
C ILE A 163 18.64 0.39 -13.43
N THR A 164 19.44 0.96 -14.34
CA THR A 164 20.35 0.22 -15.21
C THR A 164 21.52 -0.42 -14.45
N LYS A 165 21.99 0.25 -13.38
CA LYS A 165 23.01 -0.27 -12.47
C LYS A 165 22.28 -1.33 -11.66
N HIS A 166 22.83 -2.56 -11.58
CA HIS A 166 22.20 -3.66 -10.86
C HIS A 166 21.96 -3.43 -9.36
N LEU A 167 21.06 -4.21 -8.77
CA LEU A 167 20.64 -4.13 -7.38
C LEU A 167 21.75 -4.17 -6.31
N TRP A 168 22.76 -5.05 -6.45
CA TRP A 168 23.89 -5.15 -5.49
C TRP A 168 24.81 -3.92 -5.46
N ASP A 169 25.25 -3.42 -6.64
CA ASP A 169 26.11 -2.22 -6.72
C ASP A 169 25.32 -1.00 -6.34
N PHE A 170 24.02 -0.97 -6.72
CA PHE A 170 23.12 0.14 -6.43
C PHE A 170 23.02 0.36 -4.93
N VAL A 171 22.89 -0.74 -4.16
CA VAL A 171 22.78 -0.71 -2.68
C VAL A 171 24.16 -0.61 -1.98
N ASN A 172 25.16 -0.03 -2.71
CA ASN A 172 26.55 0.22 -2.30
C ASN A 172 27.22 -1.01 -1.65
N ARG A 173 26.90 -2.21 -2.17
CA ARG A 173 27.38 -3.50 -1.69
C ARG A 173 27.25 -3.67 -0.16
N ASP A 174 26.06 -3.33 0.39
CA ASP A 174 25.71 -3.39 1.81
C ASP A 174 24.42 -4.23 2.00
N LYS A 175 24.52 -5.35 2.75
CA LYS A 175 23.38 -6.25 3.02
C LYS A 175 22.21 -5.57 3.73
N ALA A 176 22.53 -4.57 4.58
CA ALA A 176 21.53 -3.78 5.32
C ALA A 176 20.70 -2.92 4.37
N LEU A 177 21.35 -2.20 3.41
CA LEU A 177 20.67 -1.35 2.42
C LEU A 177 19.76 -2.17 1.53
N LEU A 178 20.13 -3.43 1.26
CA LEU A 178 19.34 -4.37 0.47
C LEU A 178 17.98 -4.66 1.14
N GLU A 179 17.97 -4.79 2.48
CA GLU A 179 16.76 -5.04 3.29
C GLU A 179 15.74 -3.91 3.15
N GLU A 180 16.23 -2.66 3.00
CA GLU A 180 15.40 -1.47 2.80
C GLU A 180 14.65 -1.49 1.47
N TYR A 181 15.01 -2.44 0.55
CA TYR A 181 14.40 -2.62 -0.75
C TYR A 181 13.32 -3.70 -0.79
N VAL A 182 13.03 -4.31 0.38
CA VAL A 182 11.93 -5.29 0.51
C VAL A 182 10.61 -4.53 0.25
N GLY A 183 9.84 -5.03 -0.72
CA GLY A 183 8.59 -4.42 -1.14
C GLY A 183 8.70 -3.68 -2.46
N LYS A 184 9.93 -3.55 -2.98
CA LYS A 184 10.20 -2.90 -4.25
C LYS A 184 10.10 -3.93 -5.38
N LYS A 185 9.84 -3.44 -6.61
CA LYS A 185 9.73 -4.30 -7.79
C LYS A 185 11.07 -4.49 -8.48
N ILE A 186 11.35 -5.73 -8.92
CA ILE A 186 12.58 -6.12 -9.60
C ILE A 186 12.33 -6.98 -10.82
N ILE A 187 13.34 -7.06 -11.68
CA ILE A 187 13.39 -7.91 -12.87
C ILE A 187 14.73 -8.63 -12.81
N PHE A 188 14.80 -9.88 -13.25
CA PHE A 188 16.09 -10.58 -13.34
C PHE A 188 16.60 -10.12 -14.72
N LYS A 189 17.77 -9.43 -14.74
CA LYS A 189 18.35 -8.79 -15.94
C LYS A 189 17.99 -9.34 -17.33
N PRO A 190 18.24 -10.64 -17.67
CA PRO A 190 17.91 -11.12 -19.03
C PRO A 190 16.43 -11.02 -19.40
N ASN A 191 15.54 -11.15 -18.42
CA ASN A 191 14.10 -11.05 -18.69
C ASN A 191 13.44 -9.85 -17.97
N PRO A 192 13.34 -8.66 -18.64
CA PRO A 192 12.66 -7.52 -18.01
C PRO A 192 11.13 -7.57 -18.12
N LYS A 193 10.60 -8.69 -18.64
CA LYS A 193 9.16 -8.89 -18.83
C LYS A 193 8.51 -9.50 -17.58
N VAL A 194 9.33 -10.15 -16.73
CA VAL A 194 8.89 -10.76 -15.47
C VAL A 194 9.23 -9.80 -14.32
N ARG A 195 8.18 -9.27 -13.65
CA ARG A 195 8.32 -8.35 -12.52
C ARG A 195 8.05 -9.03 -11.17
N TYR A 196 9.09 -9.11 -10.31
CA TYR A 196 9.04 -9.74 -9.00
C TYR A 196 9.03 -8.70 -7.87
N THR A 197 8.73 -9.16 -6.64
CA THR A 197 8.70 -8.33 -5.44
C THR A 197 9.58 -8.96 -4.38
N ILE A 198 10.53 -8.16 -3.84
CA ILE A 198 11.43 -8.63 -2.79
C ILE A 198 10.59 -8.78 -1.51
N SER A 199 10.71 -9.94 -0.85
CA SER A 199 9.98 -10.23 0.39
C SER A 199 10.90 -10.72 1.50
N LEU A 200 12.14 -11.17 1.17
CA LEU A 200 13.14 -11.65 2.14
C LEU A 200 14.58 -11.65 1.63
N VAL A 201 15.55 -11.77 2.56
CA VAL A 201 16.99 -11.88 2.31
C VAL A 201 17.54 -13.14 3.03
N ASP A 202 18.90 -13.31 3.08
CA ASP A 202 19.62 -14.43 3.72
C ASP A 202 21.13 -14.12 3.72
N ALA A 203 21.89 -14.80 4.60
CA ALA A 203 23.33 -14.65 4.78
C ALA A 203 24.14 -14.90 3.48
N PRO A 204 25.27 -14.19 3.29
CA PRO A 204 26.09 -14.43 2.09
C PRO A 204 26.78 -15.80 2.08
N ASN A 205 26.74 -16.51 0.92
CA ASN A 205 27.33 -17.84 0.76
C ASN A 205 28.01 -17.99 -0.61
N PRO A 206 29.34 -18.24 -0.65
CA PRO A 206 30.04 -18.40 -1.94
C PRO A 206 29.71 -19.69 -2.69
N GLN A 207 29.18 -20.72 -1.98
CA GLN A 207 28.78 -21.99 -2.57
C GLN A 207 27.51 -21.85 -3.45
N LYS A 208 26.46 -21.17 -2.89
CA LYS A 208 25.17 -20.88 -3.55
C LYS A 208 25.34 -19.98 -4.78
N ILE A 209 26.21 -18.95 -4.67
CA ILE A 209 26.52 -17.98 -5.75
C ILE A 209 26.99 -18.74 -7.02
N GLU A 210 27.82 -19.78 -6.84
CA GLU A 210 28.31 -20.67 -7.90
C GLU A 210 27.15 -21.49 -8.48
N GLU A 211 26.29 -22.06 -7.58
CA GLU A 211 25.12 -22.88 -7.93
C GLU A 211 24.05 -22.15 -8.75
N ILE A 212 23.80 -20.84 -8.44
CA ILE A 212 22.84 -19.97 -9.14
C ILE A 212 23.32 -19.76 -10.60
N MET A 213 24.60 -19.35 -10.73
CA MET A 213 25.28 -19.09 -11.99
C MET A 213 25.22 -20.29 -12.92
N SER A 214 25.51 -21.50 -12.38
CA SER A 214 25.49 -22.78 -13.09
C SER A 214 24.10 -23.15 -13.63
N HIS A 215 23.01 -22.74 -12.93
CA HIS A 215 21.63 -23.01 -13.36
C HIS A 215 21.22 -22.19 -14.58
N ILE A 216 21.48 -20.86 -14.56
CA ILE A 216 21.15 -19.96 -15.65
C ILE A 216 22.01 -20.16 -16.91
N ILE A 217 23.22 -20.73 -16.75
CA ILE A 217 24.14 -21.10 -17.84
C ILE A 217 23.48 -22.24 -18.65
N LYS A 218 22.87 -23.19 -17.92
CA LYS A 218 22.17 -24.36 -18.45
C LYS A 218 20.84 -24.00 -19.13
N TYR A 219 20.07 -23.06 -18.54
CA TYR A 219 18.77 -22.63 -19.06
C TYR A 219 18.88 -21.86 -20.39
N TYR A 220 19.86 -20.96 -20.49
CA TYR A 220 20.06 -20.11 -21.66
C TYR A 220 21.05 -20.70 -22.70
N LYS A 221 21.58 -21.91 -22.41
CA LYS A 221 22.56 -22.66 -23.23
C LYS A 221 23.88 -21.88 -23.39
N TRP A 222 24.20 -21.10 -22.35
CA TRP A 222 25.35 -20.22 -22.25
C TRP A 222 26.67 -20.91 -22.02
N SER A 223 27.74 -20.26 -22.48
CA SER A 223 29.13 -20.60 -22.22
C SER A 223 29.41 -19.91 -20.85
N GLU A 224 30.44 -20.36 -20.11
CA GLU A 224 30.78 -19.77 -18.79
C GLU A 224 31.16 -18.28 -18.90
N ASP A 225 31.78 -17.90 -20.04
CA ASP A 225 32.19 -16.55 -20.46
C ASP A 225 31.05 -15.55 -20.34
N MET A 226 29.83 -15.99 -20.71
CA MET A 226 28.59 -15.22 -20.73
C MET A 226 28.21 -14.55 -19.43
N VAL A 227 28.39 -15.24 -18.29
CA VAL A 227 28.08 -14.72 -16.95
C VAL A 227 28.90 -13.45 -16.64
N LYS A 228 30.24 -13.53 -16.78
CA LYS A 228 31.16 -12.40 -16.57
C LYS A 228 30.75 -11.25 -17.50
N SER A 229 30.56 -11.56 -18.82
CA SER A 229 30.13 -10.61 -19.86
C SER A 229 28.84 -9.84 -19.52
N THR A 230 27.84 -10.53 -18.91
CA THR A 230 26.50 -10.02 -18.56
C THR A 230 26.42 -9.28 -17.22
N PHE A 231 26.96 -9.91 -16.16
CA PHE A 231 26.87 -9.44 -14.79
C PHE A 231 28.13 -8.79 -14.20
N GLY A 232 29.28 -9.05 -14.81
CA GLY A 232 30.57 -8.50 -14.40
C GLY A 232 31.35 -9.36 -13.42
N GLU A 233 32.30 -8.71 -12.72
CA GLU A 233 33.13 -9.32 -11.68
C GLU A 233 32.21 -9.70 -10.48
N ILE A 234 31.83 -10.99 -10.44
CA ILE A 234 30.93 -11.64 -9.46
C ILE A 234 31.40 -11.47 -8.01
N ASP A 235 30.48 -11.05 -7.12
CA ASP A 235 30.78 -10.90 -5.70
C ASP A 235 30.44 -12.19 -4.95
N TYR A 236 31.47 -12.77 -4.27
CA TYR A 236 31.34 -14.01 -3.49
C TYR A 236 30.66 -13.78 -2.12
N ASN A 237 31.06 -12.71 -1.39
CA ASN A 237 30.50 -12.32 -0.09
C ASN A 237 29.17 -11.55 -0.25
N GLN A 238 28.45 -11.81 -1.36
CA GLN A 238 27.16 -11.22 -1.75
C GLN A 238 26.02 -11.96 -1.03
N PRO A 239 24.94 -11.24 -0.58
CA PRO A 239 23.83 -11.92 0.10
C PRO A 239 23.04 -12.85 -0.82
N ILE A 240 22.34 -13.82 -0.23
CA ILE A 240 21.49 -14.75 -0.96
C ILE A 240 20.06 -14.26 -0.81
N MET A 241 19.58 -13.49 -1.77
CA MET A 241 18.25 -12.92 -1.76
C MET A 241 17.20 -13.99 -2.10
N TYR A 242 15.95 -13.78 -1.67
CA TYR A 242 14.81 -14.64 -1.96
C TYR A 242 13.64 -13.76 -2.37
N CYS A 243 12.70 -14.30 -3.15
CA CYS A 243 11.55 -13.52 -3.62
C CYS A 243 10.20 -14.14 -3.31
N GLU A 244 9.11 -13.38 -3.53
CA GLU A 244 7.72 -13.77 -3.26
C GLU A 244 7.17 -14.96 -4.08
N GLU A 245 7.24 -14.89 -5.43
CA GLU A 245 6.67 -15.88 -6.35
C GLU A 245 7.42 -17.20 -6.54
N ILE A 246 8.77 -17.16 -6.56
CA ILE A 246 9.60 -18.36 -6.77
C ILE A 246 10.54 -18.68 -5.61
N LEU A 247 10.49 -19.94 -5.14
CA LEU A 247 11.30 -20.48 -4.03
C LEU A 247 12.82 -20.52 -4.30
N GLU A 248 13.22 -20.31 -5.56
CA GLU A 248 14.62 -20.31 -5.99
C GLU A 248 15.42 -19.13 -5.38
N PRO A 249 16.75 -19.30 -5.13
CA PRO A 249 17.53 -18.19 -4.57
C PRO A 249 17.94 -17.15 -5.62
N PHE A 250 17.94 -15.88 -5.23
CA PHE A 250 18.28 -14.73 -6.07
C PHE A 250 19.62 -14.12 -5.69
N ALA A 251 20.34 -13.58 -6.69
CA ALA A 251 21.63 -12.91 -6.48
C ALA A 251 21.43 -11.42 -6.84
N PRO A 252 21.41 -10.49 -5.83
CA PRO A 252 21.15 -9.06 -6.12
C PRO A 252 21.93 -8.42 -7.26
N GLN A 253 23.12 -8.93 -7.58
CA GLN A 253 23.96 -8.50 -8.70
C GLN A 253 23.29 -8.77 -10.06
N PHE A 254 22.44 -9.83 -10.12
CA PHE A 254 21.76 -10.29 -11.33
C PHE A 254 20.40 -9.61 -11.58
N CYS A 255 19.91 -8.80 -10.62
CA CYS A 255 18.60 -8.16 -10.70
C CYS A 255 18.68 -6.63 -10.86
N ASN A 256 17.57 -6.03 -11.33
CA ASN A 256 17.40 -4.58 -11.49
C ASN A 256 16.10 -4.08 -10.91
N LEU A 257 16.16 -2.93 -10.22
CA LEU A 257 14.99 -2.28 -9.63
C LEU A 257 14.10 -1.70 -10.71
N VAL A 258 12.78 -1.89 -10.57
CA VAL A 258 11.76 -1.39 -11.51
C VAL A 258 10.66 -0.72 -10.70
N PHE A 259 10.27 0.48 -11.11
CA PHE A 259 9.23 1.23 -10.43
C PHE A 259 8.43 2.09 -11.41
N TYR A 260 7.28 2.61 -10.93
CA TYR A 260 6.45 3.52 -11.69
C TYR A 260 6.77 4.93 -11.25
N MET A 261 6.83 5.87 -12.22
CA MET A 261 7.10 7.29 -12.00
C MET A 261 6.03 7.95 -11.15
N ASP A 262 4.77 7.43 -11.23
CA ASP A 262 3.60 7.89 -10.47
C ASP A 262 3.49 7.24 -9.08
N GLU A 263 4.37 6.25 -8.79
CA GLU A 263 4.46 5.56 -7.50
C GLU A 263 5.54 6.21 -6.62
N LEU A 264 6.33 7.14 -7.20
CA LEU A 264 7.40 7.87 -6.51
C LEU A 264 6.82 8.91 -5.57
N ASP A 265 7.57 9.20 -4.50
CA ASP A 265 7.15 10.19 -3.53
C ASP A 265 7.28 11.60 -4.09
N SER A 266 6.55 12.53 -3.48
CA SER A 266 6.55 13.91 -3.93
C SER A 266 7.92 14.56 -3.85
N TYR A 267 8.68 14.25 -2.81
CA TYR A 267 10.01 14.83 -2.63
C TYR A 267 10.94 14.47 -3.77
N ILE A 268 10.88 13.22 -4.22
CA ILE A 268 11.71 12.76 -5.33
C ILE A 268 11.37 13.49 -6.61
N LEU A 269 10.07 13.70 -6.81
CA LEU A 269 9.52 14.34 -7.99
C LEU A 269 9.93 15.79 -8.19
N LYS A 270 10.17 16.50 -7.10
CA LYS A 270 10.52 17.91 -7.17
C LYS A 270 11.80 18.19 -7.97
N GLU A 271 12.81 17.34 -7.83
CA GLU A 271 14.06 17.53 -8.55
C GLU A 271 13.97 17.21 -10.04
N LEU A 272 13.03 16.36 -10.40
CA LEU A 272 12.82 15.94 -11.79
C LEU A 272 12.16 17.03 -12.64
N GLN A 273 12.17 16.85 -13.97
CA GLN A 273 11.55 17.77 -14.93
C GLN A 273 10.00 17.72 -14.82
N SER A 274 9.33 18.76 -15.35
CA SER A 274 7.87 18.98 -15.34
C SER A 274 7.00 17.80 -15.78
N TYR A 275 7.46 17.01 -16.77
CA TYR A 275 6.75 15.85 -17.32
C TYR A 275 6.49 14.74 -16.30
N TRP A 276 7.33 14.64 -15.28
CA TRP A 276 7.16 13.61 -14.26
C TRP A 276 6.32 14.09 -13.07
N ARG A 277 6.10 15.40 -12.97
CA ARG A 277 5.29 15.97 -11.90
C ARG A 277 3.99 16.60 -12.41
N LEU A 278 3.61 16.24 -13.63
CA LEU A 278 2.41 16.74 -14.29
C LEU A 278 1.12 16.67 -13.44
N SER A 279 0.25 17.66 -13.61
CA SER A 279 -1.02 17.72 -12.88
C SER A 279 -2.03 16.72 -13.48
N ASN A 280 -3.11 16.42 -12.74
CA ASN A 280 -4.15 15.50 -13.21
C ASN A 280 -4.84 15.99 -14.48
N GLU A 281 -5.07 17.32 -14.60
CA GLU A 281 -5.68 17.97 -15.78
C GLU A 281 -4.77 17.77 -17.01
N ASN A 282 -3.45 18.01 -16.85
CA ASN A 282 -2.46 17.85 -17.91
C ASN A 282 -2.26 16.39 -18.32
N LYS A 283 -2.36 15.47 -17.35
CA LYS A 283 -2.28 14.03 -17.59
C LYS A 283 -3.51 13.63 -18.42
N GLY A 284 -4.64 14.27 -18.14
CA GLY A 284 -5.89 14.07 -18.87
C GLY A 284 -5.78 14.42 -20.33
N LYS A 285 -5.05 15.50 -20.64
CA LYS A 285 -4.84 15.99 -22.00
C LYS A 285 -4.03 15.00 -22.84
N ILE A 286 -3.07 14.31 -22.21
CA ILE A 286 -2.25 13.25 -22.80
C ILE A 286 -3.15 12.03 -23.10
N ILE A 287 -4.01 11.61 -22.13
CA ILE A 287 -4.92 10.47 -22.29
C ILE A 287 -5.87 10.73 -23.46
N ASN A 288 -6.45 11.95 -23.52
CA ASN A 288 -7.34 12.43 -24.60
C ASN A 288 -6.68 12.32 -25.98
N GLU A 289 -5.35 12.57 -26.06
CA GLU A 289 -4.57 12.44 -27.30
C GLU A 289 -4.48 10.99 -27.80
N ILE A 290 -4.40 10.01 -26.88
CA ILE A 290 -4.36 8.57 -27.21
C ILE A 290 -5.77 8.14 -27.62
N ALA A 291 -6.81 8.69 -26.94
CA ALA A 291 -8.23 8.45 -27.21
C ALA A 291 -8.61 8.90 -28.60
N LYS A 292 -8.05 10.05 -29.05
CA LYS A 292 -8.27 10.66 -30.36
C LYS A 292 -7.74 9.80 -31.51
N LYS A 293 -6.60 9.13 -31.29
CA LYS A 293 -5.98 8.26 -32.28
C LYS A 293 -6.55 6.83 -32.24
N LEU A 294 -7.38 6.54 -31.23
CA LEU A 294 -8.00 5.22 -31.05
C LEU A 294 -9.41 5.16 -31.65
N ARG A 295 -9.55 4.40 -32.77
CA ARG A 295 -10.79 4.22 -33.55
C ARG A 295 -11.94 3.53 -32.79
N PHE A 296 -11.62 2.67 -31.79
CA PHE A 296 -12.60 1.90 -31.02
C PHE A 296 -13.46 2.71 -30.08
N ILE A 297 -12.98 3.91 -29.68
CA ILE A 297 -13.67 4.75 -28.68
C ILE A 297 -13.99 6.18 -29.15
N ASP A 298 -14.96 6.83 -28.46
CA ASP A 298 -15.30 8.23 -28.66
C ASP A 298 -14.20 9.02 -27.93
N ASN A 299 -13.88 10.21 -28.44
CA ASN A 299 -12.79 11.06 -27.94
C ASN A 299 -13.02 11.82 -26.63
N THR A 300 -14.29 12.10 -26.29
CA THR A 300 -14.68 12.85 -25.08
C THR A 300 -14.53 12.00 -23.80
N PRO A 301 -13.82 12.48 -22.74
CA PRO A 301 -13.75 11.69 -21.50
C PRO A 301 -15.09 11.74 -20.74
N LYS A 302 -15.40 10.68 -19.97
CA LYS A 302 -16.67 10.63 -19.23
C LYS A 302 -16.74 11.69 -18.13
N GLU A 303 -17.84 12.43 -18.10
CA GLU A 303 -18.06 13.41 -17.05
C GLU A 303 -18.86 12.71 -15.97
N LEU A 304 -18.39 12.80 -14.72
CA LEU A 304 -18.99 12.14 -13.59
C LEU A 304 -19.28 13.08 -12.43
N GLU A 305 -20.40 12.85 -11.72
CA GLU A 305 -20.82 13.61 -10.54
C GLU A 305 -20.14 13.03 -9.29
N PHE A 306 -19.50 13.90 -8.49
CA PHE A 306 -18.77 13.52 -7.28
C PHE A 306 -19.34 14.15 -6.02
N MET A 307 -19.48 13.34 -4.96
CA MET A 307 -19.88 13.83 -3.64
C MET A 307 -18.61 14.42 -3.00
N LYS A 308 -18.77 15.33 -2.04
CA LYS A 308 -17.64 15.89 -1.30
C LYS A 308 -17.76 15.36 0.12
N PHE A 309 -16.66 14.82 0.68
CA PHE A 309 -16.70 14.27 2.02
C PHE A 309 -16.74 15.35 3.09
N ASN A 310 -17.37 15.05 4.22
CA ASN A 310 -17.41 16.00 5.34
C ASN A 310 -16.09 15.98 6.05
N ASN A 311 -15.65 17.13 6.56
CA ASN A 311 -14.40 17.25 7.30
C ASN A 311 -14.71 16.82 8.73
N THR A 312 -14.75 15.52 8.96
CA THR A 312 -15.11 14.91 10.24
C THR A 312 -14.23 15.40 11.39
N PRO A 313 -14.82 15.88 12.50
CA PRO A 313 -13.99 16.37 13.59
C PRO A 313 -13.37 15.21 14.37
N LEU A 314 -12.31 15.54 15.12
CA LEU A 314 -11.59 14.62 15.96
C LEU A 314 -11.81 15.05 17.40
N LEU A 315 -11.71 14.09 18.31
CA LEU A 315 -11.85 14.36 19.74
C LEU A 315 -10.53 14.13 20.45
N VAL A 316 -10.20 15.02 21.37
CA VAL A 316 -9.00 15.03 22.21
C VAL A 316 -9.45 15.46 23.60
N LYS A 317 -8.60 15.31 24.62
CA LYS A 317 -8.98 15.80 25.94
C LYS A 317 -8.44 17.23 26.13
N ASP A 318 -9.09 18.03 27.00
CA ASP A 318 -8.66 19.38 27.35
C ASP A 318 -7.83 19.30 28.64
N VAL A 319 -7.47 20.43 29.25
CA VAL A 319 -6.67 20.39 30.48
C VAL A 319 -7.39 19.73 31.70
N ASN A 320 -8.74 19.65 31.66
CA ASN A 320 -9.58 19.03 32.70
C ASN A 320 -10.00 17.60 32.28
N LYS A 321 -9.32 17.04 31.27
CA LYS A 321 -9.54 15.71 30.70
C LYS A 321 -10.97 15.48 30.14
N ASN A 322 -11.61 16.57 29.63
CA ASN A 322 -12.94 16.53 29.03
C ASN A 322 -12.86 16.59 27.49
N PRO A 323 -13.64 15.77 26.75
CA PRO A 323 -13.55 15.78 25.27
C PRO A 323 -13.86 17.11 24.60
N THR A 324 -13.07 17.46 23.55
CA THR A 324 -13.19 18.70 22.77
C THR A 324 -13.03 18.44 21.27
N LYS A 325 -13.86 19.12 20.46
CA LYS A 325 -13.85 19.00 19.00
C LYS A 325 -12.67 19.76 18.37
N ILE A 326 -11.91 19.03 17.54
CA ILE A 326 -10.76 19.49 16.78
C ILE A 326 -11.02 19.04 15.34
N TYR A 327 -10.69 19.88 14.34
CA TYR A 327 -10.94 19.52 12.94
C TYR A 327 -9.69 19.08 12.20
N SER A 328 -8.52 19.41 12.75
CA SER A 328 -7.23 19.06 12.17
C SER A 328 -6.19 18.84 13.28
N THR A 329 -5.16 18.03 13.02
CA THR A 329 -4.09 17.78 14.01
C THR A 329 -2.98 18.87 13.92
N ASN A 330 -3.14 19.82 12.97
CA ASN A 330 -2.21 20.93 12.72
C ASN A 330 -2.05 21.89 13.91
N THR A 331 -2.93 21.75 14.93
CA THR A 331 -2.94 22.53 16.17
C THR A 331 -2.85 21.67 17.43
N LEU A 332 -2.46 20.38 17.30
CA LEU A 332 -2.38 19.47 18.45
C LEU A 332 -1.30 19.89 19.47
N PHE A 333 -0.14 20.36 18.98
CA PHE A 333 0.99 20.79 19.79
C PHE A 333 1.40 22.24 19.53
N THR A 334 0.42 23.11 19.20
CA THR A 334 0.68 24.53 18.98
C THR A 334 1.03 25.24 20.30
N TRP A 335 0.58 24.66 21.44
CA TRP A 335 0.84 25.10 22.81
C TRP A 335 2.32 24.94 23.23
N ILE A 336 3.13 24.27 22.39
CA ILE A 336 4.57 24.09 22.62
C ILE A 336 5.25 25.46 22.47
N TYR A 337 4.87 26.24 21.44
CA TYR A 337 5.42 27.57 21.18
C TYR A 337 4.48 28.65 21.74
N ASN A 338 3.23 28.68 21.26
CA ASN A 338 2.19 29.65 21.64
C ASN A 338 1.64 29.40 23.06
N GLN A 339 1.83 30.37 23.97
CA GLN A 339 1.39 30.34 25.37
C GLN A 339 -0.12 30.49 25.53
N ASN A 340 -0.80 31.07 24.51
CA ASN A 340 -2.24 31.30 24.50
C ASN A 340 -3.01 30.19 23.77
N ALA A 341 -2.29 29.31 23.04
CA ALA A 341 -2.87 28.18 22.31
C ALA A 341 -3.44 27.16 23.28
N LYS A 342 -4.63 26.60 22.96
CA LYS A 342 -5.32 25.62 23.79
C LYS A 342 -4.50 24.33 23.95
N ILE A 343 -4.30 23.89 25.21
CA ILE A 343 -3.57 22.66 25.56
C ILE A 343 -4.50 21.45 25.38
N TYR A 344 -4.05 20.47 24.57
CA TYR A 344 -4.76 19.23 24.27
C TYR A 344 -4.06 18.02 24.87
N LEU A 345 -4.82 17.17 25.57
CA LEU A 345 -4.32 15.96 26.23
C LEU A 345 -4.80 14.64 25.59
N PRO A 346 -4.00 13.54 25.67
CA PRO A 346 -4.40 12.29 25.01
C PRO A 346 -5.54 11.53 25.68
N TYR A 347 -6.30 10.77 24.87
CA TYR A 347 -7.40 9.92 25.32
C TYR A 347 -6.91 8.75 26.16
N ASP A 348 -5.78 8.13 25.77
CA ASP A 348 -5.18 6.99 26.47
C ASP A 348 -3.69 6.85 26.17
N VAL A 349 -2.91 6.53 27.21
CA VAL A 349 -1.47 6.28 27.16
C VAL A 349 -1.28 4.82 27.65
N PRO A 350 -0.55 3.93 26.93
CA PRO A 350 -0.40 2.54 27.42
C PRO A 350 0.25 2.46 28.79
N GLU A 351 -0.17 1.48 29.63
CA GLU A 351 0.31 1.24 30.99
C GLU A 351 1.83 1.06 31.08
N ILE A 352 2.45 0.48 30.02
CA ILE A 352 3.89 0.24 29.90
C ILE A 352 4.73 1.53 29.91
N ILE A 353 4.16 2.67 29.43
CA ILE A 353 4.82 3.98 29.36
C ILE A 353 4.05 5.13 30.07
N ARG A 354 2.97 4.80 30.82
CA ARG A 354 2.14 5.77 31.56
C ARG A 354 2.97 6.53 32.62
N ASN A 355 3.06 7.88 32.48
CA ASN A 355 3.82 8.82 33.32
C ASN A 355 5.20 8.33 33.76
N LYS A 356 6.02 7.96 32.76
CA LYS A 356 7.38 7.43 32.95
C LYS A 356 8.43 8.34 32.31
N ASN A 357 9.62 8.41 32.93
CA ASN A 357 10.74 9.20 32.44
C ASN A 357 11.51 8.32 31.46
N LEU A 358 11.23 8.47 30.16
CA LEU A 358 11.87 7.69 29.10
C LEU A 358 13.29 8.14 28.84
N LEU A 359 14.25 7.20 28.96
CA LEU A 359 15.68 7.40 28.71
C LEU A 359 15.80 7.73 27.21
N THR A 360 15.95 9.02 26.89
CA THR A 360 16.02 9.50 25.51
C THR A 360 17.46 9.73 25.04
N TYR A 361 17.71 9.49 23.75
CA TYR A 361 19.00 9.70 23.10
C TYR A 361 18.84 10.75 22.02
N ILE A 362 19.85 11.62 21.82
CA ILE A 362 19.80 12.63 20.74
C ILE A 362 20.94 12.33 19.79
N LEU A 363 20.62 11.72 18.65
CA LEU A 363 21.56 11.30 17.63
C LEU A 363 21.69 12.32 16.49
N ILE A 364 22.84 13.02 16.44
CA ILE A 364 23.15 14.06 15.46
C ILE A 364 24.14 13.51 14.42
N ASP A 365 23.83 13.67 13.13
CA ASP A 365 24.67 13.24 12.01
C ASP A 365 25.97 14.07 12.03
N GLU A 366 27.14 13.40 11.94
CA GLU A 366 28.48 14.01 11.96
C GLU A 366 28.63 15.19 10.98
N GLU A 367 28.05 15.05 9.76
CA GLU A 367 28.09 16.02 8.68
C GLU A 367 27.42 17.38 8.99
N ILE A 368 26.58 17.44 10.04
CA ILE A 368 25.89 18.68 10.45
C ILE A 368 26.35 19.25 11.82
N LYS A 369 27.53 18.80 12.30
CA LYS A 369 28.14 19.19 13.59
C LYS A 369 28.34 20.68 13.83
N ASP A 370 28.47 21.50 12.76
CA ASP A 370 28.70 22.95 12.85
C ASP A 370 27.51 23.68 13.48
N GLU A 371 26.29 23.17 13.23
CA GLU A 371 25.04 23.76 13.70
C GLU A 371 24.56 23.20 15.06
N LEU A 372 25.49 22.66 15.89
CA LEU A 372 25.20 22.10 17.22
C LEU A 372 24.42 23.06 18.13
N LYS A 373 24.77 24.37 18.12
CA LYS A 373 24.10 25.43 18.90
C LYS A 373 22.62 25.55 18.51
N ALA A 374 22.31 25.61 17.20
CA ALA A 374 20.95 25.70 16.68
C ALA A 374 20.17 24.39 16.87
N ILE A 375 20.87 23.23 16.78
CA ILE A 375 20.29 21.88 16.98
C ILE A 375 19.87 21.72 18.45
N LYS A 376 20.78 22.03 19.39
CA LYS A 376 20.55 21.93 20.84
C LYS A 376 19.36 22.78 21.28
N ASP A 377 19.37 24.08 20.91
CA ASP A 377 18.31 25.05 21.22
C ASP A 377 16.92 24.69 20.63
N LYS A 378 16.88 23.82 19.60
CA LYS A 378 15.64 23.36 18.96
C LYS A 378 15.06 22.13 19.68
N VAL A 379 15.93 21.16 20.04
CA VAL A 379 15.60 19.92 20.77
C VAL A 379 15.18 20.29 22.22
N ASN A 380 15.89 21.27 22.85
CA ASN A 380 15.60 21.73 24.22
C ASN A 380 14.27 22.49 24.31
N LYS A 381 14.08 23.55 23.48
CA LYS A 381 12.85 24.36 23.45
C LYS A 381 11.60 23.52 23.17
N MET A 382 11.74 22.43 22.41
CA MET A 382 10.61 21.54 22.11
C MET A 382 10.31 20.62 23.30
N PHE A 383 11.33 19.90 23.81
CA PHE A 383 11.17 18.95 24.91
C PHE A 383 10.89 19.60 26.28
N ARG A 384 11.49 20.76 26.60
CA ARG A 384 11.26 21.43 27.89
C ARG A 384 9.81 21.92 28.03
N ASN A 385 9.20 22.35 26.91
CA ASN A 385 7.80 22.81 26.85
C ASN A 385 6.87 21.60 26.88
N TYR A 386 7.32 20.46 26.33
CA TYR A 386 6.54 19.23 26.36
C TYR A 386 6.57 18.61 27.75
N ASN A 387 7.77 18.52 28.36
CA ASN A 387 8.00 17.93 29.68
C ASN A 387 7.30 18.67 30.81
N LYS A 388 7.21 20.02 30.73
CA LYS A 388 6.53 20.85 31.74
C LYS A 388 5.02 20.56 31.79
N ILE A 389 4.49 19.96 30.72
CA ILE A 389 3.08 19.58 30.55
C ILE A 389 2.94 18.05 30.74
N ALA A 390 3.95 17.24 30.30
CA ALA A 390 3.99 15.78 30.48
C ALA A 390 4.07 15.39 31.98
N ASN A 391 4.60 16.33 32.80
CA ASN A 391 4.69 16.24 34.26
C ASN A 391 3.31 16.64 34.74
N LYS A 392 2.75 15.88 35.69
CA LYS A 392 1.40 16.07 36.25
C LYS A 392 0.28 15.71 35.25
N THR A 393 0.54 14.68 34.41
CA THR A 393 -0.35 14.06 33.42
C THR A 393 0.13 12.63 33.09
N GLU A 394 -0.72 11.84 32.39
CA GLU A 394 -0.46 10.46 31.98
C GLU A 394 0.70 10.34 30.98
N LEU A 395 0.96 11.41 30.19
CA LEU A 395 2.01 11.47 29.16
C LEU A 395 3.41 11.18 29.70
N PRO A 396 4.23 10.39 28.98
CA PRO A 396 5.61 10.12 29.45
C PRO A 396 6.52 11.32 29.23
N LYS A 397 7.64 11.38 29.96
CA LYS A 397 8.63 12.43 29.83
C LYS A 397 9.85 11.92 29.07
N PHE A 398 10.61 12.83 28.46
CA PHE A 398 11.83 12.49 27.72
C PHE A 398 13.06 13.02 28.50
N ASN A 399 13.91 12.09 28.96
CA ASN A 399 15.14 12.40 29.70
C ASN A 399 16.36 12.03 28.86
N TYR A 400 16.92 13.03 28.15
CA TYR A 400 18.05 12.88 27.24
C TYR A 400 19.37 13.43 27.79
N ALA A 401 19.44 13.67 29.12
CA ALA A 401 20.64 14.18 29.80
C ALA A 401 21.84 13.29 29.52
N ASN A 402 22.92 13.90 28.99
CA ASN A 402 24.20 13.28 28.64
C ASN A 402 24.16 12.21 27.54
N ARG A 403 22.97 11.97 26.95
CA ARG A 403 22.76 11.00 25.88
C ARG A 403 22.73 11.63 24.48
N TRP A 404 23.56 12.68 24.29
CA TRP A 404 23.77 13.39 23.03
C TRP A 404 24.97 12.69 22.39
N LYS A 405 24.75 12.10 21.21
CA LYS A 405 25.79 11.34 20.51
C LYS A 405 25.84 11.67 19.02
N TYR A 406 27.06 11.64 18.44
CA TYR A 406 27.27 11.84 17.02
C TYR A 406 27.37 10.49 16.31
N PHE A 407 26.95 10.43 15.03
CA PHE A 407 27.00 9.22 14.22
C PHE A 407 27.30 9.54 12.74
N SER A 408 27.75 8.52 11.99
CA SER A 408 28.01 8.61 10.56
C SER A 408 27.15 7.55 9.84
N THR A 409 26.61 7.88 8.64
CA THR A 409 25.79 6.94 7.87
C THR A 409 26.64 5.83 7.25
N ASP A 410 27.96 6.10 7.13
CA ASP A 410 28.96 5.17 6.63
C ASP A 410 29.24 4.04 7.64
N ASP A 411 29.05 4.33 8.96
CA ASP A 411 29.22 3.33 10.02
C ASP A 411 28.08 3.29 11.05
N ILE A 412 26.92 2.72 10.64
CA ILE A 412 25.74 2.57 11.51
C ILE A 412 26.08 1.59 12.64
N ARG A 413 26.75 0.46 12.28
CA ARG A 413 27.20 -0.60 13.20
C ARG A 413 28.08 -0.07 14.34
N GLY A 414 28.87 0.96 14.06
CA GLY A 414 29.76 1.62 15.02
C GLY A 414 29.01 2.25 16.16
N ILE A 415 28.02 3.12 15.87
CA ILE A 415 27.18 3.78 16.88
C ILE A 415 26.23 2.82 17.62
N ILE A 416 25.80 1.71 16.96
CA ILE A 416 24.95 0.67 17.58
C ILE A 416 25.73 -0.04 18.71
N LYS A 417 27.05 -0.30 18.49
CA LYS A 417 27.95 -0.93 19.46
C LYS A 417 28.17 -0.04 20.70
N GLU A 418 28.08 1.29 20.51
CA GLU A 418 28.23 2.30 21.56
C GLU A 418 26.97 2.35 22.45
N ILE A 419 25.76 2.22 21.84
CA ILE A 419 24.46 2.22 22.55
C ILE A 419 24.25 0.91 23.33
N LYS A 420 24.49 -0.25 22.67
CA LYS A 420 24.33 -1.62 23.21
C LYS A 420 25.10 -1.85 24.51
N SER A 421 26.26 -1.17 24.66
CA SER A 421 27.14 -1.20 25.84
C SER A 421 26.37 -0.81 27.11
N GLU A 422 25.29 0.00 26.94
CA GLU A 422 24.37 0.43 28.00
C GLU A 422 23.17 -0.51 27.94
N PHE A 423 23.11 -1.47 28.89
CA PHE A 423 22.04 -2.47 28.99
C PHE A 423 20.83 -1.89 29.73
N ASN A 424 19.81 -1.46 28.97
CA ASN A 424 18.60 -0.86 29.51
C ASN A 424 17.54 -1.92 29.86
N ASP A 425 17.15 -2.75 28.86
CA ASP A 425 16.11 -3.79 28.94
C ASP A 425 14.72 -3.17 29.22
N GLU A 426 14.55 -1.89 28.84
CA GLU A 426 13.36 -1.07 29.01
C GLU A 426 13.14 -0.17 27.78
N ILE A 427 11.92 0.42 27.65
CA ILE A 427 11.55 1.30 26.54
C ILE A 427 12.31 2.63 26.62
N CYS A 428 13.07 2.92 25.54
CA CYS A 428 13.84 4.14 25.40
C CYS A 428 13.45 4.85 24.12
N PHE A 429 13.86 6.11 23.98
CA PHE A 429 13.58 6.88 22.79
C PHE A 429 14.86 7.45 22.18
N ALA A 430 14.87 7.67 20.86
CA ALA A 430 16.02 8.27 20.18
C ALA A 430 15.53 9.25 19.13
N LEU A 431 15.98 10.51 19.23
CA LEU A 431 15.63 11.53 18.25
C LEU A 431 16.83 11.68 17.32
N ILE A 432 16.65 11.28 16.05
CA ILE A 432 17.70 11.30 15.04
C ILE A 432 17.60 12.59 14.21
N ILE A 433 18.66 13.41 14.24
CA ILE A 433 18.78 14.65 13.46
C ILE A 433 19.73 14.35 12.29
N GLY A 434 19.17 14.30 11.09
CA GLY A 434 19.93 14.00 9.88
C GLY A 434 19.88 15.07 8.82
N LYS A 435 20.42 14.74 7.63
CA LYS A 435 20.48 15.64 6.47
C LYS A 435 20.11 14.93 5.16
N GLU A 436 19.79 15.71 4.10
CA GLU A 436 19.40 15.16 2.79
C GLU A 436 20.57 14.44 2.09
N LYS A 437 20.53 13.12 2.18
CA LYS A 437 21.52 12.25 1.59
C LYS A 437 20.96 11.44 0.41
N TYR A 438 19.74 11.78 -0.02
CA TYR A 438 19.11 11.07 -1.15
C TYR A 438 18.96 9.57 -0.92
N LYS A 439 19.54 8.76 -1.80
CA LYS A 439 19.42 7.33 -1.68
C LYS A 439 19.98 6.88 -0.33
N ASP A 440 21.07 7.48 0.09
CA ASP A 440 21.68 7.18 1.38
C ASP A 440 20.78 7.44 2.59
N ASN A 441 19.60 8.09 2.38
CA ASN A 441 18.59 8.34 3.44
C ASN A 441 18.10 7.03 4.09
N ASP A 442 18.24 5.90 3.35
CA ASP A 442 17.90 4.55 3.81
C ASP A 442 18.78 4.12 5.00
N TYR A 443 19.99 4.71 5.15
CA TYR A 443 20.89 4.45 6.27
C TYR A 443 20.26 4.94 7.58
N TYR A 444 19.43 6.00 7.51
CA TYR A 444 18.68 6.51 8.67
C TYR A 444 17.61 5.52 9.09
N GLU A 445 17.00 4.82 8.11
CA GLU A 445 16.00 3.77 8.33
C GLU A 445 16.71 2.52 8.92
N ILE A 446 17.96 2.26 8.48
CA ILE A 446 18.80 1.17 8.99
C ILE A 446 19.08 1.44 10.47
N LEU A 447 19.37 2.71 10.82
CA LEU A 447 19.61 3.14 12.19
C LEU A 447 18.40 2.91 13.09
N LYS A 448 17.19 3.28 12.63
CA LYS A 448 15.95 3.08 13.39
C LYS A 448 15.66 1.61 13.72
N LYS A 449 15.78 0.75 12.70
CA LYS A 449 15.56 -0.68 12.76
C LYS A 449 16.47 -1.35 13.80
N GLN A 450 17.79 -1.14 13.66
CA GLN A 450 18.85 -1.66 14.55
C GLN A 450 18.76 -1.11 15.98
N LEU A 451 18.23 0.13 16.11
CA LEU A 451 18.00 0.81 17.38
C LEU A 451 16.87 0.09 18.11
N PHE A 452 15.79 -0.29 17.37
CA PHE A 452 14.65 -1.02 17.95
C PHE A 452 15.00 -2.44 18.44
N ASP A 453 16.00 -3.09 17.82
CA ASP A 453 16.47 -4.41 18.23
C ASP A 453 17.07 -4.35 19.66
N LEU A 454 17.48 -3.13 20.07
CA LEU A 454 18.04 -2.74 21.37
C LEU A 454 16.92 -2.11 22.27
N LYS A 455 15.63 -2.25 21.87
CA LYS A 455 14.44 -1.71 22.54
C LYS A 455 14.35 -0.17 22.55
N ILE A 456 15.03 0.49 21.58
CA ILE A 456 15.04 1.95 21.45
C ILE A 456 14.09 2.36 20.31
N ILE A 457 12.95 2.98 20.64
CA ILE A 457 11.99 3.49 19.66
C ILE A 457 12.62 4.82 19.16
N SER A 458 12.56 5.09 17.85
CA SER A 458 13.22 6.27 17.32
C SER A 458 12.49 6.96 16.19
N GLN A 459 12.80 8.24 16.00
CA GLN A 459 12.26 9.05 14.91
C GLN A 459 13.35 9.95 14.34
N ASN A 460 13.47 9.94 13.01
CA ASN A 460 14.42 10.76 12.27
C ASN A 460 13.73 11.98 11.68
N ILE A 461 14.48 13.09 11.59
CA ILE A 461 14.01 14.38 11.08
C ILE A 461 15.16 15.06 10.30
N LEU A 462 14.86 15.74 9.17
CA LEU A 462 15.91 16.42 8.40
C LEU A 462 16.10 17.81 8.98
N TRP A 463 17.34 18.11 9.41
CA TRP A 463 17.71 19.39 10.03
C TRP A 463 17.42 20.61 9.17
N GLU A 464 17.74 20.55 7.86
CA GLU A 464 17.50 21.64 6.90
C GLU A 464 16.07 22.14 6.95
N ASN A 465 15.11 21.20 6.99
CA ASN A 465 13.67 21.49 7.06
C ASN A 465 13.25 22.02 8.44
N TRP A 466 13.75 21.41 9.54
CA TRP A 466 13.42 21.81 10.91
C TRP A 466 13.97 23.19 11.30
N ARG A 467 15.13 23.58 10.75
CA ARG A 467 15.79 24.87 11.00
C ARG A 467 14.93 26.05 10.50
N LYS A 468 14.26 25.86 9.33
CA LYS A 468 13.38 26.84 8.69
C LYS A 468 11.96 26.87 9.28
N ASP A 469 11.61 25.93 10.19
CA ASP A 469 10.29 25.82 10.82
C ASP A 469 10.09 26.91 11.90
N ASP A 470 9.71 28.12 11.44
CA ASP A 470 9.47 29.29 12.30
C ASP A 470 8.02 29.32 12.85
N LYS A 471 7.11 28.50 12.25
CA LYS A 471 5.69 28.44 12.63
C LYS A 471 5.33 27.29 13.58
N GLY A 472 6.28 26.40 13.85
CA GLY A 472 6.09 25.25 14.73
C GLY A 472 5.38 24.06 14.09
N TYR A 473 5.18 24.12 12.76
CA TYR A 473 4.51 23.14 11.90
C TYR A 473 5.17 21.75 11.96
N MET A 474 6.48 21.68 11.70
CA MET A 474 7.26 20.44 11.73
C MET A 474 7.38 19.88 13.13
N THR A 475 7.48 20.74 14.16
CA THR A 475 7.55 20.34 15.56
C THR A 475 6.28 19.60 15.94
N ASN A 476 5.11 20.17 15.55
CA ASN A 476 3.78 19.60 15.76
C ASN A 476 3.70 18.22 15.08
N ASN A 477 4.16 18.11 13.81
CA ASN A 477 4.17 16.85 13.06
C ASN A 477 5.12 15.81 13.62
N LEU A 478 6.25 16.26 14.17
CA LEU A 478 7.24 15.38 14.78
C LEU A 478 6.66 14.78 16.04
N LEU A 479 5.99 15.59 16.88
CA LEU A 479 5.36 15.14 18.11
C LEU A 479 4.20 14.19 17.85
N ILE A 480 3.40 14.43 16.78
CA ILE A 480 2.29 13.56 16.35
C ILE A 480 2.84 12.15 16.07
N GLN A 481 3.94 12.10 15.29
CA GLN A 481 4.58 10.85 14.92
C GLN A 481 5.22 10.12 16.09
N ILE A 482 5.83 10.87 17.04
CA ILE A 482 6.44 10.32 18.26
C ILE A 482 5.35 9.64 19.11
N MET A 483 4.18 10.31 19.29
CA MET A 483 3.02 9.78 20.03
C MET A 483 2.54 8.45 19.44
N GLY A 484 2.45 8.39 18.10
CA GLY A 484 2.05 7.20 17.36
C GLY A 484 3.00 6.05 17.56
N LYS A 485 4.31 6.33 17.49
CA LYS A 485 5.38 5.37 17.70
C LYS A 485 5.42 4.89 19.12
N LEU A 486 4.86 5.67 20.06
CA LEU A 486 4.78 5.26 21.47
C LEU A 486 3.40 4.68 21.85
N GLY A 487 2.58 4.37 20.83
CA GLY A 487 1.25 3.81 20.95
C GLY A 487 0.27 4.66 21.74
N ILE A 488 0.53 5.97 21.81
CA ILE A 488 -0.33 6.91 22.53
C ILE A 488 -1.56 7.22 21.68
N LYS A 489 -2.75 6.95 22.24
CA LYS A 489 -4.05 7.21 21.60
C LYS A 489 -4.38 8.65 21.87
N TYR A 490 -3.78 9.57 21.11
CA TYR A 490 -3.98 10.99 21.33
C TYR A 490 -5.39 11.50 20.97
N PHE A 491 -5.80 11.26 19.73
CA PHE A 491 -7.10 11.71 19.23
C PHE A 491 -7.95 10.53 18.77
N ILE A 492 -9.29 10.67 18.87
CA ILE A 492 -10.25 9.66 18.43
C ILE A 492 -11.23 10.29 17.43
N LEU A 493 -12.14 9.49 16.87
CA LEU A 493 -13.16 9.97 15.93
C LEU A 493 -14.35 10.50 16.69
N ASP A 494 -14.92 11.64 16.24
CA ASP A 494 -16.10 12.25 16.87
C ASP A 494 -17.36 11.43 16.61
N SER A 495 -17.39 10.71 15.48
CA SER A 495 -18.53 9.88 15.08
C SER A 495 -18.25 8.39 15.33
N LYS A 496 -19.16 7.73 16.08
CA LYS A 496 -19.07 6.30 16.37
C LYS A 496 -19.75 5.52 15.23
N THR A 497 -19.11 4.42 14.84
CA THR A 497 -19.54 3.57 13.72
C THR A 497 -20.38 2.36 14.14
N PRO A 498 -21.16 1.72 13.22
CA PRO A 498 -21.84 0.45 13.59
C PRO A 498 -20.87 -0.67 13.95
N TYR A 499 -19.62 -0.60 13.42
CA TYR A 499 -18.59 -1.62 13.60
C TYR A 499 -17.89 -1.65 14.93
N ASP A 500 -17.87 -2.84 15.53
CA ASP A 500 -17.14 -3.09 16.77
C ASP A 500 -15.64 -3.03 16.43
N TYR A 501 -15.26 -3.59 15.25
CA TYR A 501 -13.90 -3.61 14.72
C TYR A 501 -13.87 -3.31 13.26
N ILE A 502 -12.84 -2.58 12.85
CA ILE A 502 -12.47 -2.29 11.48
C ILE A 502 -11.07 -2.87 11.41
N MET A 503 -10.91 -3.90 10.56
CA MET A 503 -9.66 -4.63 10.50
C MET A 503 -9.01 -4.52 9.13
N GLY A 504 -7.81 -3.95 9.13
CA GLY A 504 -6.98 -3.79 7.94
C GLY A 504 -6.16 -5.05 7.78
N LEU A 505 -6.21 -5.66 6.61
CA LEU A 505 -5.52 -6.91 6.39
C LEU A 505 -4.64 -6.86 5.18
N ASP A 506 -3.42 -7.38 5.32
CA ASP A 506 -2.43 -7.54 4.27
C ASP A 506 -1.83 -8.95 4.45
N THR A 507 -1.74 -9.72 3.35
CA THR A 507 -1.24 -11.09 3.36
C THR A 507 -0.06 -11.31 2.40
N GLY A 508 1.12 -10.86 2.83
CA GLY A 508 2.38 -10.96 2.09
C GLY A 508 2.77 -12.37 1.68
N LEU A 509 2.76 -13.31 2.65
CA LEU A 509 3.07 -14.72 2.41
C LEU A 509 1.86 -15.61 2.68
N ASN A 514 3.82 -18.98 2.39
CA ASN A 514 4.96 -19.87 2.15
C ASN A 514 6.11 -19.63 3.15
N HIS A 515 5.82 -18.89 4.24
CA HIS A 515 6.75 -18.53 5.33
C HIS A 515 6.03 -18.67 6.69
N ARG A 516 6.73 -18.44 7.83
CA ARG A 516 6.14 -18.51 9.18
C ARG A 516 5.00 -17.49 9.35
N VAL A 517 5.31 -16.18 9.30
CA VAL A 517 4.33 -15.08 9.40
C VAL A 517 3.97 -14.63 7.98
N GLY A 518 2.72 -14.83 7.60
CA GLY A 518 2.24 -14.50 6.27
C GLY A 518 1.46 -13.21 6.13
N GLY A 519 1.10 -12.60 7.26
CA GLY A 519 0.34 -11.37 7.23
C GLY A 519 0.22 -10.63 8.54
N CYS A 520 -0.69 -9.65 8.52
CA CYS A 520 -0.95 -8.77 9.65
C CYS A 520 -2.34 -8.26 9.56
N THR A 521 -2.98 -8.09 10.72
CA THR A 521 -4.28 -7.47 10.88
C THR A 521 -4.06 -6.29 11.84
N VAL A 522 -4.48 -5.10 11.42
CA VAL A 522 -4.45 -3.93 12.29
C VAL A 522 -5.90 -3.70 12.71
N VAL A 523 -6.17 -3.93 14.00
CA VAL A 523 -7.51 -3.84 14.58
C VAL A 523 -7.80 -2.45 15.13
N TYR A 524 -8.86 -1.83 14.60
CA TYR A 524 -9.36 -0.53 15.03
C TYR A 524 -10.70 -0.72 15.71
N ASP A 525 -10.97 0.05 16.77
CA ASP A 525 -12.26 -0.01 17.44
C ASP A 525 -13.24 1.00 16.82
N SER A 526 -14.45 1.11 17.37
CA SER A 526 -15.50 2.02 16.89
C SER A 526 -15.12 3.51 16.97
N GLU A 527 -14.11 3.89 17.81
CA GLU A 527 -13.63 5.27 17.97
C GLU A 527 -12.41 5.59 17.05
N GLY A 528 -11.94 4.60 16.30
CA GLY A 528 -10.81 4.76 15.39
C GLY A 528 -9.44 4.61 16.03
N LYS A 529 -9.37 3.99 17.22
CA LYS A 529 -8.06 3.76 17.83
C LYS A 529 -7.56 2.35 17.65
N ILE A 530 -6.23 2.19 17.50
CA ILE A 530 -5.57 0.90 17.30
C ILE A 530 -5.67 0.08 18.58
N ARG A 531 -6.30 -1.09 18.49
CA ARG A 531 -6.44 -1.99 19.63
C ARG A 531 -5.39 -3.09 19.58
N ARG A 532 -5.03 -3.54 18.36
CA ARG A 532 -4.03 -4.59 18.11
C ARG A 532 -3.35 -4.43 16.74
N ILE A 533 -2.06 -4.74 16.69
CA ILE A 533 -1.28 -4.87 15.48
C ILE A 533 -0.95 -6.37 15.58
N GLN A 534 -1.79 -7.19 14.94
CA GLN A 534 -1.73 -8.64 15.01
C GLN A 534 -1.02 -9.35 13.87
N PRO A 535 0.24 -9.85 14.07
CA PRO A 535 0.88 -10.68 13.02
C PRO A 535 0.07 -11.98 12.85
N ILE A 536 -0.02 -12.49 11.62
CA ILE A 536 -0.76 -13.72 11.34
C ILE A 536 0.20 -14.79 10.82
N GLU A 537 0.23 -15.96 11.49
CA GLU A 537 1.04 -17.12 11.09
C GLU A 537 0.32 -17.80 9.95
N THR A 538 1.05 -18.32 8.94
CA THR A 538 0.43 -19.05 7.81
C THR A 538 -0.16 -20.39 8.30
N PRO A 539 -1.28 -20.88 7.68
CA PRO A 539 -1.90 -22.13 8.18
C PRO A 539 -1.02 -23.38 8.29
N ALA A 540 -0.37 -23.77 7.19
CA ALA A 540 0.48 -24.95 7.07
C ALA A 540 1.25 -24.85 5.75
N PRO A 541 2.36 -25.60 5.53
CA PRO A 541 3.05 -25.51 4.23
C PRO A 541 2.20 -26.02 3.06
N GLY A 542 2.23 -25.28 1.96
CA GLY A 542 1.50 -25.59 0.74
C GLY A 542 0.08 -25.06 0.66
N GLU A 543 -0.26 -24.05 1.47
CA GLU A 543 -1.60 -23.44 1.46
C GLU A 543 -1.65 -21.94 1.77
N ARG A 544 -2.58 -21.23 1.09
CA ARG A 544 -2.81 -19.79 1.19
C ARG A 544 -3.47 -19.33 2.49
N LEU A 545 -3.17 -18.08 2.87
CA LEU A 545 -3.67 -17.38 4.04
C LEU A 545 -4.97 -16.60 3.64
N HIS A 546 -6.11 -17.30 3.74
CA HIS A 546 -7.44 -16.80 3.38
C HIS A 546 -8.20 -16.15 4.56
N LEU A 547 -9.22 -15.32 4.26
CA LEU A 547 -10.05 -14.65 5.27
C LEU A 547 -10.68 -15.61 6.31
N PRO A 548 -11.32 -16.76 5.94
CA PRO A 548 -11.82 -17.67 6.99
C PRO A 548 -10.75 -18.08 8.02
N TYR A 549 -9.51 -18.36 7.57
CA TYR A 549 -8.38 -18.70 8.44
C TYR A 549 -7.95 -17.55 9.36
N VAL A 550 -7.94 -16.29 8.84
CA VAL A 550 -7.57 -15.08 9.59
C VAL A 550 -8.51 -14.97 10.81
N ILE A 551 -9.83 -15.10 10.58
CA ILE A 551 -10.87 -15.02 11.61
C ILE A 551 -10.68 -16.09 12.67
N GLU A 552 -10.43 -17.35 12.25
CA GLU A 552 -10.17 -18.49 13.12
C GLU A 552 -8.95 -18.19 14.00
N TYR A 553 -7.87 -17.66 13.38
CA TYR A 553 -6.62 -17.31 14.03
C TYR A 553 -6.81 -16.20 15.07
N LEU A 554 -7.61 -15.15 14.74
CA LEU A 554 -7.87 -14.04 15.65
C LEU A 554 -8.65 -14.45 16.89
N GLU A 555 -9.58 -15.39 16.73
CA GLU A 555 -10.42 -15.91 17.80
C GLU A 555 -9.69 -16.93 18.69
N ASN A 556 -9.00 -17.92 18.06
CA ASN A 556 -8.33 -19.03 18.73
C ASN A 556 -6.87 -18.84 19.15
N LYS A 557 -6.06 -18.11 18.37
CA LYS A 557 -4.63 -17.91 18.67
C LYS A 557 -4.27 -16.47 19.05
N ALA A 558 -5.13 -15.48 18.75
CA ALA A 558 -4.86 -14.07 19.09
C ALA A 558 -5.66 -13.59 20.30
N ASN A 559 -6.69 -14.36 20.71
CA ASN A 559 -7.57 -14.08 21.85
C ASN A 559 -8.46 -12.85 21.68
N ILE A 560 -8.88 -12.55 20.45
CA ILE A 560 -9.81 -11.45 20.18
C ILE A 560 -11.22 -12.05 20.15
N ASP A 561 -12.14 -11.49 20.97
CA ASP A 561 -13.53 -11.95 20.98
C ASP A 561 -14.16 -11.48 19.68
N MET A 562 -14.55 -12.44 18.85
CA MET A 562 -15.15 -12.11 17.57
C MET A 562 -16.55 -12.58 17.33
N GLU A 563 -17.23 -12.94 18.44
CA GLU A 563 -18.61 -13.40 18.48
C GLU A 563 -19.51 -12.23 18.82
N ASN A 564 -20.75 -12.23 18.26
CA ASN A 564 -21.81 -11.22 18.50
C ASN A 564 -21.30 -9.79 18.20
N LYS A 565 -20.44 -9.71 17.17
CA LYS A 565 -19.78 -8.51 16.73
C LYS A 565 -20.17 -8.12 15.31
N ASN A 566 -19.93 -6.85 14.97
CA ASN A 566 -20.09 -6.28 13.64
C ASN A 566 -18.68 -5.86 13.26
N ILE A 567 -18.06 -6.62 12.33
CA ILE A 567 -16.66 -6.47 11.91
C ILE A 567 -16.57 -6.18 10.43
N LEU A 568 -15.78 -5.16 10.08
CA LEU A 568 -15.53 -4.79 8.70
C LEU A 568 -14.06 -5.05 8.38
N PHE A 569 -13.78 -5.88 7.37
CA PHE A 569 -12.42 -6.18 6.91
C PHE A 569 -12.08 -5.38 5.65
N LEU A 570 -10.88 -4.82 5.66
CA LEU A 570 -10.34 -4.02 4.57
C LEU A 570 -9.16 -4.78 4.00
N ARG A 571 -9.22 -5.09 2.70
CA ARG A 571 -8.13 -5.79 2.04
C ARG A 571 -7.89 -5.29 0.60
N ASP A 572 -6.63 -5.40 0.15
CA ASP A 572 -6.21 -5.07 -1.21
C ASP A 572 -6.17 -6.42 -1.86
N GLY A 573 -7.34 -6.95 -2.15
CA GLY A 573 -7.50 -8.27 -2.74
C GLY A 573 -8.94 -8.73 -2.81
N PHE A 574 -9.20 -9.72 -3.67
CA PHE A 574 -10.54 -10.25 -3.83
C PHE A 574 -10.72 -11.58 -3.15
N ILE A 575 -11.96 -11.88 -2.77
CA ILE A 575 -12.35 -13.12 -2.10
C ILE A 575 -12.45 -14.20 -3.18
N GLN A 576 -11.86 -15.38 -2.92
CA GLN A 576 -11.93 -16.54 -3.82
C GLN A 576 -13.31 -17.18 -3.58
N ASN A 577 -13.83 -17.92 -4.56
CA ASN A 577 -15.12 -18.61 -4.49
C ASN A 577 -15.24 -19.60 -3.32
N SER A 578 -14.12 -20.31 -3.01
CA SER A 578 -14.04 -21.28 -1.92
C SER A 578 -14.26 -20.63 -0.54
N GLU A 579 -13.79 -19.37 -0.38
CA GLU A 579 -13.90 -18.58 0.84
C GLU A 579 -15.35 -18.21 1.16
N ARG A 580 -16.18 -17.91 0.14
CA ARG A 580 -17.58 -17.47 0.26
C ARG A 580 -18.45 -18.34 1.15
N ASN A 581 -18.40 -19.66 0.95
CA ASN A 581 -19.15 -20.61 1.76
C ASN A 581 -18.60 -20.73 3.17
N ASP A 582 -17.26 -20.66 3.32
CA ASP A 582 -16.61 -20.72 4.63
C ASP A 582 -16.97 -19.48 5.46
N LEU A 583 -17.07 -18.30 4.78
CA LEU A 583 -17.46 -17.04 5.41
C LEU A 583 -18.93 -17.03 5.78
N LYS A 584 -19.78 -17.72 4.99
CA LYS A 584 -21.20 -17.92 5.26
C LYS A 584 -21.36 -18.74 6.55
N GLU A 585 -20.56 -19.82 6.73
CA GLU A 585 -20.56 -20.68 7.91
C GLU A 585 -20.01 -19.99 9.16
N ILE A 586 -18.91 -19.23 9.01
CA ILE A 586 -18.25 -18.48 10.09
C ILE A 586 -19.20 -17.44 10.72
N SER A 587 -20.01 -16.73 9.90
CA SER A 587 -20.95 -15.71 10.35
C SER A 587 -22.02 -16.31 11.26
N LYS A 588 -22.54 -17.51 10.89
CA LYS A 588 -23.52 -18.17 11.73
C LYS A 588 -22.89 -18.84 12.95
N GLU A 589 -21.65 -19.31 12.83
CA GLU A 589 -20.91 -19.91 13.94
C GLU A 589 -20.55 -18.85 14.99
N LEU A 590 -20.11 -17.63 14.54
CA LEU A 590 -19.76 -16.53 15.45
C LEU A 590 -20.98 -15.71 15.90
N ASN A 591 -22.10 -15.72 15.13
CA ASN A 591 -23.31 -14.91 15.35
C ASN A 591 -22.89 -13.43 15.18
N SER A 592 -22.06 -13.21 14.15
CA SER A 592 -21.45 -11.93 13.83
C SER A 592 -21.75 -11.54 12.41
N ASN A 593 -21.76 -10.23 12.19
CA ASN A 593 -21.90 -9.64 10.86
C ASN A 593 -20.45 -9.41 10.38
N ILE A 594 -20.05 -10.13 9.33
CA ILE A 594 -18.70 -10.01 8.76
C ILE A 594 -18.80 -9.35 7.42
N GLU A 595 -18.16 -8.19 7.30
CA GLU A 595 -18.13 -7.46 6.05
C GLU A 595 -16.73 -7.36 5.50
N VAL A 596 -16.64 -7.29 4.18
CA VAL A 596 -15.39 -7.17 3.44
C VAL A 596 -15.56 -6.25 2.24
N ILE A 597 -14.61 -5.33 2.09
CA ILE A 597 -14.56 -4.41 0.98
C ILE A 597 -13.12 -4.45 0.45
N SER A 598 -12.97 -4.39 -0.88
N SER A 598 -12.97 -4.39 -0.88
CA SER A 598 -11.67 -4.40 -1.54
CA SER A 598 -11.66 -4.39 -1.53
C SER A 598 -11.22 -2.95 -1.76
C SER A 598 -11.22 -2.95 -1.76
N ILE A 599 -10.01 -2.62 -1.29
CA ILE A 599 -9.44 -1.29 -1.43
C ILE A 599 -8.19 -1.45 -2.26
N ARG A 600 -8.21 -0.94 -3.49
CA ARG A 600 -7.10 -1.05 -4.42
C ARG A 600 -6.44 0.30 -4.74
N LYS A 601 -5.22 0.47 -4.21
CA LYS A 601 -4.39 1.67 -4.41
C LYS A 601 -3.84 1.68 -5.84
N ASN A 602 -3.63 0.50 -6.42
CA ASN A 602 -3.11 0.32 -7.77
C ASN A 602 -4.28 -0.04 -8.63
N ASN A 603 -4.70 0.90 -9.50
CA ASN A 603 -5.84 0.77 -10.38
C ASN A 603 -5.65 1.64 -11.62
N LYS A 604 -6.52 1.49 -12.60
CA LYS A 604 -6.49 2.15 -13.91
C LYS A 604 -7.22 3.50 -14.00
N TYR A 605 -8.00 3.88 -12.97
CA TYR A 605 -8.77 5.13 -12.96
C TYR A 605 -7.92 6.35 -12.75
N LYS A 606 -8.33 7.47 -13.38
CA LYS A 606 -7.72 8.79 -13.26
C LYS A 606 -8.82 9.81 -13.28
N VAL A 607 -8.76 10.77 -12.35
CA VAL A 607 -9.72 11.88 -12.26
C VAL A 607 -8.97 13.13 -12.73
N PHE A 608 -9.44 13.76 -13.80
CA PHE A 608 -8.78 14.94 -14.39
C PHE A 608 -9.08 16.21 -13.57
N THR A 609 -8.56 16.25 -12.32
CA THR A 609 -8.73 17.36 -11.37
C THR A 609 -7.64 17.45 -10.29
N SER A 610 -7.48 18.63 -9.73
CA SER A 610 -6.55 18.87 -8.62
C SER A 610 -7.33 18.92 -7.30
N ASP A 611 -8.66 18.82 -7.38
CA ASP A 611 -9.55 18.79 -6.22
C ASP A 611 -9.45 17.43 -5.50
N TYR A 612 -9.80 17.42 -4.21
CA TYR A 612 -9.67 16.27 -3.32
C TYR A 612 -10.82 16.27 -2.31
N ARG A 613 -10.88 15.23 -1.43
CA ARG A 613 -11.95 15.05 -0.44
C ARG A 613 -13.25 14.76 -1.24
N ILE A 614 -13.11 14.03 -2.39
CA ILE A 614 -14.17 13.67 -3.33
C ILE A 614 -14.27 12.17 -3.62
N GLY A 615 -15.49 11.73 -3.90
CA GLY A 615 -15.79 10.33 -4.19
C GLY A 615 -16.96 10.16 -5.13
N SER A 616 -16.89 9.14 -5.99
CA SER A 616 -17.95 8.81 -6.94
C SER A 616 -18.04 7.29 -7.17
N VAL A 617 -19.06 6.84 -7.92
CA VAL A 617 -19.29 5.42 -8.23
C VAL A 617 -19.37 5.25 -9.75
N PHE A 618 -18.49 4.42 -10.32
CA PHE A 618 -18.51 4.17 -11.76
C PHE A 618 -18.67 2.67 -12.01
N GLY A 619 -19.84 2.30 -12.52
CA GLY A 619 -20.23 0.91 -12.80
C GLY A 619 -19.92 -0.04 -11.67
N ASN A 620 -20.46 0.26 -10.48
CA ASN A 620 -20.24 -0.50 -9.23
C ASN A 620 -18.90 -0.26 -8.51
N ASP A 621 -17.95 0.48 -9.12
CA ASP A 621 -16.66 0.77 -8.45
C ASP A 621 -16.68 2.14 -7.80
N GLY A 622 -16.20 2.22 -6.58
CA GLY A 622 -16.04 3.46 -5.85
C GLY A 622 -14.75 4.11 -6.28
N ILE A 623 -14.81 5.39 -6.67
CA ILE A 623 -13.64 6.17 -7.08
C ILE A 623 -13.43 7.18 -5.95
N PHE A 624 -12.38 6.93 -5.16
CA PHE A 624 -12.02 7.60 -3.92
C PHE A 624 -10.77 8.49 -4.11
N LEU A 625 -10.91 9.81 -3.92
CA LEU A 625 -9.82 10.78 -4.06
C LEU A 625 -9.75 11.65 -2.76
N PRO A 626 -9.12 11.11 -1.68
CA PRO A 626 -9.19 11.81 -0.38
C PRO A 626 -8.28 13.00 -0.10
N HIS A 627 -6.99 12.85 -0.37
CA HIS A 627 -5.95 13.78 0.03
C HIS A 627 -5.46 14.78 -1.01
N LYS A 628 -5.01 15.93 -0.53
CA LYS A 628 -4.45 16.95 -1.41
C LYS A 628 -3.03 16.54 -1.73
N THR A 629 -2.61 16.78 -2.97
CA THR A 629 -1.27 16.40 -3.40
C THR A 629 -0.58 17.57 -4.10
N PRO A 630 0.72 17.69 -3.91
CA PRO A 630 1.50 18.76 -4.54
C PRO A 630 1.45 18.63 -6.05
N PHE A 631 1.57 17.39 -6.52
CA PHE A 631 1.55 17.09 -7.94
C PHE A 631 0.32 16.23 -8.25
N GLY A 632 0.37 15.52 -9.36
CA GLY A 632 -0.73 14.67 -9.76
C GLY A 632 -0.95 13.54 -8.77
N SER A 633 -2.21 13.18 -8.55
CA SER A 633 -2.55 12.11 -7.62
C SER A 633 -3.46 11.07 -8.27
N ASN A 634 -3.30 9.82 -7.85
CA ASN A 634 -4.10 8.74 -8.38
C ASN A 634 -5.22 8.38 -7.43
N PRO A 635 -6.40 8.12 -7.96
CA PRO A 635 -7.52 7.71 -7.10
C PRO A 635 -7.37 6.27 -6.58
N VAL A 636 -8.16 5.96 -5.54
CA VAL A 636 -8.23 4.65 -4.90
C VAL A 636 -9.53 4.02 -5.39
N LYS A 637 -9.47 2.74 -5.80
CA LYS A 637 -10.66 2.01 -6.24
C LYS A 637 -11.23 1.19 -5.08
N LEU A 638 -12.56 1.31 -4.87
CA LEU A 638 -13.33 0.57 -3.88
C LEU A 638 -14.21 -0.41 -4.65
N SER A 639 -14.17 -1.69 -4.26
CA SER A 639 -14.88 -2.72 -5.01
C SER A 639 -15.39 -3.82 -4.09
N THR A 640 -16.41 -4.54 -4.58
CA THR A 640 -17.03 -5.75 -4.00
C THR A 640 -17.20 -5.73 -2.48
N TRP A 641 -18.12 -4.90 -2.02
CA TRP A 641 -18.49 -4.80 -0.63
C TRP A 641 -19.48 -5.93 -0.39
N LEU A 642 -19.07 -6.89 0.44
CA LEU A 642 -19.84 -8.09 0.77
C LEU A 642 -20.21 -8.15 2.23
N ARG A 643 -21.35 -8.81 2.51
CA ARG A 643 -21.86 -8.99 3.86
C ARG A 643 -22.21 -10.43 4.12
N PHE A 644 -21.60 -11.03 5.17
CA PHE A 644 -21.90 -12.38 5.63
C PHE A 644 -22.58 -12.24 6.97
N ASN A 645 -23.86 -12.63 7.01
CA ASN A 645 -24.72 -12.51 8.18
C ASN A 645 -25.73 -13.65 8.18
N CYS A 646 -25.87 -14.36 9.31
CA CYS A 646 -26.84 -15.45 9.47
C CYS A 646 -26.74 -16.54 8.39
N GLY A 647 -25.52 -16.88 7.99
CA GLY A 647 -25.28 -17.89 6.96
C GLY A 647 -25.58 -17.45 5.54
N ASN A 648 -25.86 -16.15 5.34
CA ASN A 648 -26.16 -15.62 4.00
C ASN A 648 -25.07 -14.72 3.49
N GLU A 649 -24.93 -14.67 2.16
CA GLU A 649 -24.00 -13.80 1.45
C GLU A 649 -24.84 -12.72 0.74
N GLU A 650 -24.40 -11.46 0.86
CA GLU A 650 -25.08 -10.30 0.29
C GLU A 650 -24.05 -9.31 -0.26
N GLY A 651 -24.23 -8.94 -1.51
CA GLY A 651 -23.43 -7.94 -2.20
C GLY A 651 -24.03 -6.57 -1.95
N LEU A 652 -23.24 -5.65 -1.37
CA LEU A 652 -23.71 -4.30 -1.04
C LEU A 652 -23.24 -3.27 -2.06
N LYS A 653 -24.06 -2.25 -2.31
CA LYS A 653 -23.70 -1.19 -3.25
C LYS A 653 -22.82 -0.18 -2.51
N ILE A 654 -21.72 0.22 -3.14
CA ILE A 654 -20.83 1.24 -2.58
C ILE A 654 -21.64 2.55 -2.52
N ASN A 655 -21.70 3.17 -1.33
CA ASN A 655 -22.53 4.36 -1.07
C ASN A 655 -21.77 5.49 -0.36
N GLU A 656 -22.47 6.60 -0.02
CA GLU A 656 -21.90 7.75 0.69
C GLU A 656 -21.43 7.44 2.12
N SER A 657 -22.14 6.50 2.79
CA SER A 657 -21.83 6.06 4.16
C SER A 657 -20.45 5.43 4.27
N ILE A 658 -20.16 4.36 3.48
CA ILE A 658 -18.84 3.70 3.54
CA ILE A 658 -18.88 3.65 3.49
C ILE A 658 -17.71 4.59 3.12
N MET A 659 -17.90 5.40 2.06
CA MET A 659 -16.88 6.31 1.56
C MET A 659 -16.54 7.36 2.59
N GLN A 660 -17.55 7.83 3.35
CA GLN A 660 -17.32 8.78 4.44
C GLN A 660 -16.53 8.08 5.54
N LEU A 661 -16.88 6.84 5.89
CA LEU A 661 -16.16 6.05 6.89
C LEU A 661 -14.70 5.83 6.47
N LEU A 662 -14.48 5.46 5.21
CA LEU A 662 -13.15 5.21 4.66
C LEU A 662 -12.32 6.47 4.66
N TYR A 663 -12.95 7.62 4.30
CA TYR A 663 -12.33 8.94 4.35
C TYR A 663 -11.94 9.29 5.77
N ASP A 664 -12.84 9.04 6.75
CA ASP A 664 -12.57 9.34 8.17
C ASP A 664 -11.36 8.56 8.65
N LEU A 665 -11.18 7.32 8.15
CA LEU A 665 -10.07 6.45 8.52
C LEU A 665 -8.72 6.88 7.94
N THR A 666 -8.72 7.67 6.84
CA THR A 666 -7.47 8.24 6.26
C THR A 666 -6.96 9.39 7.17
N LYS A 667 -7.85 9.92 8.02
CA LYS A 667 -7.58 10.99 8.96
C LYS A 667 -6.99 10.46 10.29
N MET A 668 -7.09 9.16 10.57
CA MET A 668 -6.53 8.55 11.79
C MET A 668 -5.03 8.22 11.58
N ASN A 669 -4.30 9.26 11.21
CA ASN A 669 -2.90 9.26 10.83
C ASN A 669 -1.96 9.81 11.92
N TYR A 670 -0.86 9.09 12.18
CA TYR A 670 0.24 9.49 13.04
C TYR A 670 1.51 9.60 12.21
N SER A 671 1.43 9.35 10.90
CA SER A 671 2.54 9.48 9.92
C SER A 671 2.53 10.92 9.35
N ALA A 672 2.51 11.89 10.27
CA ALA A 672 2.44 13.32 9.98
C ALA A 672 3.67 13.86 9.23
N LEU A 673 4.83 13.21 9.39
CA LEU A 673 6.09 13.60 8.75
C LEU A 673 6.25 13.03 7.34
N TYR A 674 5.53 11.95 6.99
CA TYR A 674 5.59 11.30 5.68
C TYR A 674 4.37 11.61 4.81
N GLY A 675 4.43 11.10 3.58
CA GLY A 675 3.37 11.17 2.57
C GLY A 675 3.02 12.57 2.07
N GLU A 676 1.86 12.65 1.38
CA GLU A 676 1.33 13.88 0.79
C GLU A 676 0.33 14.56 1.74
N GLY A 677 0.84 15.52 2.51
CA GLY A 677 0.07 16.29 3.48
C GLY A 677 -0.19 15.60 4.80
N ARG A 678 -1.34 15.95 5.41
CA ARG A 678 -1.79 15.50 6.73
C ARG A 678 -2.49 14.12 6.74
N TYR A 679 -3.40 13.87 5.77
CA TYR A 679 -4.19 12.65 5.70
C TYR A 679 -3.63 11.61 4.75
N LEU A 680 -3.95 10.32 4.97
CA LEU A 680 -3.44 9.22 4.15
C LEU A 680 -4.20 9.05 2.85
N ARG A 681 -3.59 8.38 1.86
CA ARG A 681 -4.24 8.06 0.60
C ARG A 681 -5.24 6.91 0.84
N ILE A 682 -4.81 5.92 1.64
CA ILE A 682 -5.62 4.76 1.95
C ILE A 682 -5.96 4.69 3.44
N PRO A 683 -7.16 4.18 3.85
CA PRO A 683 -7.51 4.12 5.28
C PRO A 683 -6.41 3.58 6.20
N ALA A 684 -6.20 4.19 7.37
CA ALA A 684 -5.17 3.79 8.34
C ALA A 684 -5.08 2.27 8.70
N PRO A 685 -6.19 1.51 8.94
CA PRO A 685 -6.04 0.07 9.25
C PRO A 685 -5.27 -0.73 8.19
N ILE A 686 -5.63 -0.57 6.90
CA ILE A 686 -4.98 -1.27 5.78
C ILE A 686 -3.57 -0.70 5.50
N HIS A 687 -3.41 0.64 5.58
CA HIS A 687 -2.14 1.35 5.40
C HIS A 687 -1.06 0.85 6.38
N TYR A 688 -1.41 0.73 7.66
CA TYR A 688 -0.50 0.28 8.71
C TYR A 688 -0.24 -1.22 8.69
N ALA A 689 -1.23 -2.04 8.24
CA ALA A 689 -1.05 -3.48 8.06
C ALA A 689 0.05 -3.71 6.99
N ASP A 690 -0.01 -2.93 5.88
CA ASP A 690 0.96 -3.00 4.80
C ASP A 690 2.35 -2.58 5.26
N LYS A 691 2.44 -1.50 6.08
CA LYS A 691 3.68 -0.99 6.65
C LYS A 691 4.34 -1.99 7.61
N PHE A 692 3.53 -2.79 8.33
CA PHE A 692 4.06 -3.80 9.26
C PHE A 692 4.63 -4.98 8.50
N VAL A 693 3.92 -5.42 7.45
CA VAL A 693 4.35 -6.54 6.58
C VAL A 693 5.68 -6.21 5.90
N LYS A 694 5.85 -4.94 5.42
CA LYS A 694 7.11 -4.47 4.81
C LYS A 694 8.23 -4.47 5.85
N ALA A 695 7.94 -3.96 7.06
CA ALA A 695 8.88 -3.88 8.19
C ALA A 695 9.38 -5.26 8.59
N LEU A 696 8.48 -6.26 8.62
CA LEU A 696 8.83 -7.63 8.96
C LEU A 696 9.71 -8.27 7.86
N GLY A 697 9.46 -7.86 6.61
CA GLY A 697 10.23 -8.28 5.45
C GLY A 697 11.64 -7.72 5.50
N LYS A 698 11.81 -6.52 6.10
CA LYS A 698 13.14 -5.94 6.27
C LYS A 698 13.85 -6.38 7.54
N ASN A 699 13.31 -7.42 8.18
CA ASN A 699 13.80 -8.04 9.40
C ASN A 699 13.77 -7.16 10.66
N TRP A 700 12.69 -6.36 10.82
CA TRP A 700 12.43 -5.58 12.04
C TRP A 700 11.98 -6.63 13.08
N LYS A 701 12.24 -6.35 14.36
CA LYS A 701 11.87 -7.24 15.47
C LYS A 701 10.35 -7.20 15.72
N ILE A 702 9.76 -8.35 16.05
CA ILE A 702 8.35 -8.47 16.43
C ILE A 702 8.37 -8.36 17.95
N ASP A 703 7.76 -7.30 18.49
CA ASP A 703 7.68 -7.07 19.94
C ASP A 703 6.22 -7.17 20.31
N GLU A 704 5.81 -8.38 20.76
CA GLU A 704 4.45 -8.77 21.11
C GLU A 704 3.72 -7.81 22.02
N GLU A 705 4.36 -7.40 23.14
CA GLU A 705 3.78 -6.49 24.12
C GLU A 705 3.43 -5.14 23.49
N LEU A 706 4.37 -4.60 22.67
CA LEU A 706 4.21 -3.31 21.99
C LEU A 706 3.13 -3.34 20.93
N LEU A 707 3.03 -4.42 20.14
CA LEU A 707 2.01 -4.56 19.08
C LEU A 707 0.61 -4.72 19.67
N LYS A 708 0.50 -5.39 20.83
CA LYS A 708 -0.72 -5.59 21.60
C LYS A 708 -1.24 -4.23 22.08
N HIS A 709 -0.31 -3.31 22.43
CA HIS A 709 -0.59 -1.97 22.89
C HIS A 709 -0.68 -0.95 21.75
N GLY A 710 -0.54 -1.42 20.51
CA GLY A 710 -0.64 -0.60 19.31
C GLY A 710 0.47 0.39 19.03
N PHE A 711 1.72 0.11 19.49
CA PHE A 711 2.89 0.96 19.21
C PHE A 711 3.25 0.82 17.72
N LEU A 712 3.28 1.94 16.97
CA LEU A 712 3.65 1.98 15.56
C LEU A 712 5.16 2.24 15.48
N TYR A 713 5.95 1.42 16.20
CA TYR A 713 7.40 1.53 16.29
C TYR A 713 8.15 1.34 14.97
N PHE A 714 7.49 0.69 14.00
CA PHE A 714 8.05 0.34 12.70
C PHE A 714 7.82 1.42 11.60
N ILE A 715 7.11 2.52 11.91
CA ILE A 715 6.79 3.56 10.91
C ILE A 715 7.95 4.50 10.54
#